data_5M3X
#
_entry.id   5M3X
#
_cell.length_a   86.300
_cell.length_b   41.040
_cell.length_c   129.950
_cell.angle_alpha   90.00
_cell.angle_beta   107.82
_cell.angle_gamma   90.00
#
_symmetry.space_group_name_H-M   'P 1 2 1'
#
loop_
_entity.id
_entity.type
_entity.pdbx_description
1 polymer Angiotensinogen
2 water water
#
_entity_poly.entity_id   1
_entity_poly.type   'polypeptide(L)'
_entity_poly.pdbx_seq_one_letter_code
;VIHNESTCEQLAKANAGKPKDPTFIPAPIQAKTSPVDEKALQDQLVLVAAKLDTEDKLRAAMVGMLANFLGFRIYGMHSE
LWGVVHGATVLSPTAVFGTLASLYLGALDHTADRLQAILGVPWKDKQCTSRLDAHKVLSALQAVQGLLVAQGRADSQAQL
LLSTVVGVFTAPGLHLKQPFVQGLALYTPVVLPRSLDFTELDVAAEKIDRFMQAVTGWKTGSSLMGASVDSTLAFNTYVH
FQGKMKGFSLLAEPQEFWVDQSTSVSVPMLSGMGTFQHWSDIQDQFSVTQVPFTESASLLLIQPHYASDLDKVEGLTFQQ
NSLNWMKKLSPRTIHLTMPQLVLQGSYDLQDLLAQAELPAILHTELNLQKLSNDRIRVGEVLNSIFFELEADEREPTEST
QQLNKPEVLEVTLNRPFLFAVYDQSATALHFLGRVANPLSTAHHHHHH
;
_entity_poly.pdbx_strand_id   A,B
#
# COMPACT_ATOMS: atom_id res chain seq x y z
N ASP A 21 -19.08 -18.02 -21.72
CA ASP A 21 -18.22 -16.84 -21.66
C ASP A 21 -17.29 -16.91 -20.46
N PRO A 22 -15.98 -16.76 -20.68
CA PRO A 22 -15.04 -16.79 -19.55
C PRO A 22 -15.18 -15.55 -18.68
N THR A 23 -14.63 -15.65 -17.47
CA THR A 23 -14.67 -14.55 -16.52
C THR A 23 -13.32 -14.43 -15.84
N PHE A 24 -13.22 -13.51 -14.89
CA PHE A 24 -12.03 -13.31 -14.09
C PHE A 24 -12.38 -12.35 -12.96
N ILE A 25 -11.66 -12.50 -11.85
CA ILE A 25 -11.84 -11.62 -10.69
C ILE A 25 -10.81 -10.49 -10.81
N PRO A 26 -11.23 -9.23 -10.81
CA PRO A 26 -10.24 -8.15 -10.87
C PRO A 26 -9.21 -8.30 -9.76
N ALA A 27 -7.96 -8.08 -10.11
CA ALA A 27 -6.90 -8.17 -9.12
C ALA A 27 -7.18 -7.18 -7.99
N PRO A 28 -6.81 -7.50 -6.75
CA PRO A 28 -7.03 -6.55 -5.67
C PRO A 28 -6.31 -5.24 -5.94
N ILE A 29 -6.96 -4.13 -5.58
CA ILE A 29 -6.44 -2.81 -5.91
C ILE A 29 -5.06 -2.58 -5.30
N GLN A 30 -4.71 -3.36 -4.28
CA GLN A 30 -3.42 -3.20 -3.61
C GLN A 30 -2.27 -3.82 -4.40
N ALA A 31 -2.57 -4.58 -5.45
CA ALA A 31 -1.52 -5.27 -6.20
C ALA A 31 -0.68 -4.29 -6.99
N LYS A 32 0.51 -4.76 -7.37
CA LYS A 32 1.42 -3.96 -8.18
C LYS A 32 0.77 -3.59 -9.51
N THR A 33 0.94 -2.33 -9.90
CA THR A 33 0.48 -1.87 -11.22
C THR A 33 1.52 -0.90 -11.76
N SER A 34 2.03 -1.19 -12.95
CA SER A 34 2.97 -0.28 -13.59
C SER A 34 2.24 0.99 -14.02
N PRO A 35 2.86 2.16 -13.86
CA PRO A 35 2.18 3.40 -14.27
C PRO A 35 1.84 3.38 -15.75
N VAL A 36 0.77 4.09 -16.11
CA VAL A 36 0.37 4.18 -17.50
C VAL A 36 1.31 5.11 -18.24
N ASP A 37 1.67 4.72 -19.47
CA ASP A 37 2.56 5.51 -20.32
C ASP A 37 1.69 6.39 -21.22
N GLU A 38 1.54 7.66 -20.83
CA GLU A 38 0.70 8.56 -21.60
C GLU A 38 1.26 8.78 -23.00
N LYS A 39 2.57 9.00 -23.11
CA LYS A 39 3.17 9.23 -24.42
C LYS A 39 3.00 8.02 -25.34
N ALA A 40 2.93 6.83 -24.76
CA ALA A 40 2.60 5.64 -25.55
C ALA A 40 1.11 5.59 -25.87
N LEU A 41 0.26 6.12 -24.98
CA LEU A 41 -1.16 6.20 -25.27
C LEU A 41 -1.43 7.24 -26.36
N GLN A 42 -0.71 8.37 -26.31
CA GLN A 42 -0.90 9.39 -27.35
C GLN A 42 -0.54 8.84 -28.73
N ASP A 43 0.57 8.10 -28.82
CA ASP A 43 0.93 7.49 -30.10
C ASP A 43 -0.16 6.55 -30.59
N GLN A 44 -0.81 5.83 -29.68
CA GLN A 44 -1.91 4.95 -30.07
C GLN A 44 -3.10 5.76 -30.54
N LEU A 45 -3.41 6.87 -29.86
CA LEU A 45 -4.56 7.66 -30.24
C LEU A 45 -4.37 8.28 -31.62
N VAL A 46 -3.14 8.71 -31.93
CA VAL A 46 -2.86 9.27 -33.25
C VAL A 46 -2.96 8.19 -34.31
N LEU A 47 -2.50 6.98 -33.98
CA LEU A 47 -2.63 5.86 -34.91
C LEU A 47 -4.09 5.59 -35.24
N VAL A 48 -4.96 5.61 -34.23
CA VAL A 48 -6.38 5.38 -34.46
C VAL A 48 -6.94 6.36 -35.48
N ALA A 49 -6.70 7.65 -35.26
CA ALA A 49 -7.19 8.65 -36.20
C ALA A 49 -6.56 8.48 -37.57
N ALA A 50 -5.28 8.09 -37.60
CA ALA A 50 -4.57 7.99 -38.87
C ALA A 50 -5.23 6.99 -39.81
N LYS A 51 -5.58 5.81 -39.30
CA LYS A 51 -6.23 4.78 -40.11
C LYS A 51 -7.74 4.81 -39.92
N LEU A 52 -8.33 5.93 -40.34
CA LEU A 52 -9.77 6.12 -40.35
C LEU A 52 -10.24 6.26 -41.80
N ASP A 53 -11.21 5.44 -42.19
CA ASP A 53 -11.84 5.61 -43.49
C ASP A 53 -12.86 6.74 -43.42
N THR A 54 -13.33 7.16 -44.61
CA THR A 54 -14.28 8.27 -44.68
C THR A 54 -15.52 8.00 -43.83
N GLU A 55 -16.03 6.77 -43.84
CA GLU A 55 -17.21 6.46 -43.04
C GLU A 55 -16.92 6.53 -41.55
N ASP A 56 -15.75 6.02 -41.13
CA ASP A 56 -15.41 6.08 -39.71
C ASP A 56 -15.18 7.51 -39.25
N LYS A 57 -14.60 8.35 -40.11
CA LYS A 57 -14.37 9.73 -39.74
C LYS A 57 -15.69 10.47 -39.53
N LEU A 58 -16.64 10.28 -40.46
CA LEU A 58 -17.97 10.87 -40.26
C LEU A 58 -18.64 10.33 -39.01
N ARG A 59 -18.45 9.04 -38.72
CA ARG A 59 -19.03 8.47 -37.50
C ARG A 59 -18.45 9.14 -36.26
N ALA A 60 -17.18 9.49 -36.30
CA ALA A 60 -16.56 10.17 -35.16
C ALA A 60 -17.17 11.55 -34.96
N ALA A 61 -17.28 12.33 -36.04
CA ALA A 61 -17.95 13.62 -35.96
C ALA A 61 -19.39 13.46 -35.52
N MET A 62 -20.06 12.42 -36.00
CA MET A 62 -21.45 12.17 -35.66
C MET A 62 -21.60 11.95 -34.16
N VAL A 63 -20.72 11.13 -33.58
CA VAL A 63 -20.79 10.84 -32.15
C VAL A 63 -20.38 12.06 -31.34
N GLY A 64 -19.42 12.85 -31.84
CA GLY A 64 -19.10 14.10 -31.18
C GLY A 64 -20.28 15.05 -31.15
N MET A 65 -21.02 15.13 -32.25
CA MET A 65 -22.21 15.97 -32.29
C MET A 65 -23.28 15.43 -31.35
N LEU A 66 -23.41 14.10 -31.26
CA LEU A 66 -24.41 13.50 -30.38
C LEU A 66 -24.06 13.71 -28.91
N ALA A 67 -22.77 13.64 -28.57
CA ALA A 67 -22.36 13.93 -27.20
C ALA A 67 -22.68 15.37 -26.83
N ASN A 68 -22.53 16.30 -27.78
CA ASN A 68 -22.94 17.68 -27.54
C ASN A 68 -24.42 17.77 -27.25
N PHE A 69 -25.24 17.04 -28.02
CA PHE A 69 -26.68 17.07 -27.79
C PHE A 69 -27.01 16.60 -26.37
N LEU A 70 -26.38 15.53 -25.91
CA LEU A 70 -26.58 15.10 -24.53
C LEU A 70 -26.12 16.18 -23.56
N GLY A 71 -24.96 16.79 -23.82
CA GLY A 71 -24.47 17.84 -22.95
C GLY A 71 -25.42 19.01 -22.86
N PHE A 72 -25.98 19.44 -23.99
CA PHE A 72 -26.95 20.53 -23.97
C PHE A 72 -28.23 20.12 -23.28
N ARG A 73 -28.60 18.84 -23.38
CA ARG A 73 -29.74 18.33 -22.61
C ARG A 73 -29.47 18.39 -21.11
N ILE A 74 -28.20 18.29 -20.71
CA ILE A 74 -27.85 18.35 -19.29
C ILE A 74 -27.88 19.78 -18.77
N TYR A 75 -27.56 20.77 -19.61
CA TYR A 75 -27.65 22.16 -19.18
C TYR A 75 -29.08 22.69 -19.15
N GLY A 76 -29.99 22.09 -19.91
CA GLY A 76 -31.36 22.54 -19.91
C GLY A 76 -32.14 22.10 -18.69
N MET A 77 -31.76 20.97 -18.10
CA MET A 77 -32.42 20.45 -16.90
C MET A 77 -31.64 20.79 -15.63
N HIS A 78 -30.81 21.82 -15.67
CA HIS A 78 -30.09 22.29 -14.49
C HIS A 78 -30.00 23.81 -14.53
N SER A 79 -30.62 24.46 -13.54
CA SER A 79 -30.47 25.91 -13.41
C SER A 79 -29.07 26.25 -12.91
N GLU A 80 -28.67 25.68 -11.79
CA GLU A 80 -27.32 25.82 -11.24
C GLU A 80 -26.69 24.43 -11.28
N LEU A 81 -26.07 24.12 -12.42
CA LEU A 81 -25.55 22.77 -12.67
C LEU A 81 -24.31 22.45 -11.84
N TRP A 82 -23.65 23.46 -11.29
CA TRP A 82 -22.30 23.28 -10.78
C TRP A 82 -22.26 22.86 -9.31
N GLY A 83 -23.41 22.83 -8.63
CA GLY A 83 -23.47 22.17 -7.33
C GLY A 83 -23.30 20.67 -7.42
N VAL A 84 -23.33 20.12 -8.64
CA VAL A 84 -23.11 18.69 -8.85
C VAL A 84 -21.63 18.36 -8.81
N VAL A 85 -20.77 19.28 -9.18
CA VAL A 85 -19.35 19.02 -9.37
C VAL A 85 -18.59 19.31 -8.09
N HIS A 86 -17.69 18.41 -7.74
CA HIS A 86 -16.78 18.60 -6.61
C HIS A 86 -15.44 19.10 -7.14
N GLY A 87 -14.99 20.24 -6.63
CA GLY A 87 -13.75 20.84 -7.09
C GLY A 87 -13.97 21.80 -8.23
N ALA A 88 -13.12 21.73 -9.26
CA ALA A 88 -13.26 22.62 -10.40
C ALA A 88 -14.52 22.26 -11.20
N THR A 89 -15.22 23.31 -11.64
CA THR A 89 -16.50 23.14 -12.34
C THR A 89 -16.27 22.94 -13.84
N VAL A 90 -15.66 21.81 -14.16
CA VAL A 90 -15.39 21.41 -15.54
C VAL A 90 -16.24 20.18 -15.86
N LEU A 91 -16.58 20.05 -17.13
CA LEU A 91 -17.52 19.02 -17.59
C LEU A 91 -17.11 18.56 -18.97
N SER A 92 -17.18 17.25 -19.19
CA SER A 92 -16.72 16.65 -20.44
C SER A 92 -17.87 15.94 -21.14
N PRO A 93 -18.52 16.56 -22.12
CA PRO A 93 -19.61 15.87 -22.84
C PRO A 93 -19.18 14.56 -23.46
N THR A 94 -17.92 14.46 -23.92
CA THR A 94 -17.47 13.22 -24.54
C THR A 94 -17.28 12.11 -23.51
N ALA A 95 -16.80 12.46 -22.31
CA ALA A 95 -16.62 11.45 -21.27
C ALA A 95 -17.96 10.98 -20.71
N VAL A 96 -18.92 11.89 -20.54
CA VAL A 96 -20.25 11.50 -20.08
C VAL A 96 -20.89 10.55 -21.10
N PHE A 97 -20.79 10.89 -22.39
CA PHE A 97 -21.36 10.05 -23.43
C PHE A 97 -20.65 8.71 -23.51
N GLY A 98 -19.36 8.66 -23.14
CA GLY A 98 -18.63 7.41 -23.18
C GLY A 98 -18.88 6.53 -21.98
N THR A 99 -19.08 7.14 -20.80
CA THR A 99 -19.40 6.36 -19.61
C THR A 99 -20.75 5.67 -19.76
N LEU A 100 -21.71 6.35 -20.38
CA LEU A 100 -23.02 5.73 -20.61
C LEU A 100 -22.92 4.63 -21.65
N ALA A 101 -22.23 4.90 -22.77
CA ALA A 101 -22.05 3.88 -23.79
C ALA A 101 -21.23 2.70 -23.27
N SER A 102 -20.37 2.94 -22.29
CA SER A 102 -19.61 1.85 -21.68
C SER A 102 -20.49 1.00 -20.78
N LEU A 103 -21.36 1.65 -19.99
CA LEU A 103 -22.28 0.90 -19.15
C LEU A 103 -23.27 0.10 -19.99
N TYR A 104 -23.72 0.68 -21.10
CA TYR A 104 -24.62 -0.05 -22.00
C TYR A 104 -23.99 -1.36 -22.46
N LEU A 105 -22.67 -1.41 -22.56
CA LEU A 105 -22.00 -2.63 -23.02
C LEU A 105 -22.35 -3.81 -22.13
N GLY A 106 -22.56 -3.58 -20.85
CA GLY A 106 -22.89 -4.64 -19.91
C GLY A 106 -24.36 -4.74 -19.56
N ALA A 107 -25.22 -3.94 -20.18
CA ALA A 107 -26.62 -3.88 -19.82
C ALA A 107 -27.46 -4.83 -20.68
N LEU A 108 -28.66 -5.12 -20.20
CA LEU A 108 -29.60 -5.99 -20.92
C LEU A 108 -31.01 -5.54 -20.60
N ASP A 109 -31.94 -5.92 -21.49
CA ASP A 109 -33.38 -5.76 -21.26
C ASP A 109 -33.67 -4.30 -20.90
N HIS A 110 -34.34 -4.01 -19.78
CA HIS A 110 -34.81 -2.66 -19.51
C HIS A 110 -33.66 -1.69 -19.32
N THR A 111 -32.62 -2.10 -18.59
CA THR A 111 -31.49 -1.21 -18.36
C THR A 111 -30.86 -0.77 -19.68
N ALA A 112 -30.60 -1.72 -20.57
CA ALA A 112 -30.02 -1.38 -21.86
C ALA A 112 -30.93 -0.45 -22.65
N ASP A 113 -32.22 -0.75 -22.70
CA ASP A 113 -33.15 0.08 -23.47
C ASP A 113 -33.14 1.51 -22.97
N ARG A 114 -33.23 1.70 -21.64
CA ARG A 114 -33.25 3.04 -21.08
C ARG A 114 -31.96 3.79 -21.37
N LEU A 115 -30.82 3.11 -21.30
CA LEU A 115 -29.55 3.74 -21.65
C LEU A 115 -29.50 4.09 -23.14
N GLN A 116 -29.98 3.19 -23.99
CA GLN A 116 -30.00 3.48 -25.43
C GLN A 116 -30.80 4.74 -25.73
N ALA A 117 -31.91 4.93 -25.01
CA ALA A 117 -32.75 6.10 -25.26
C ALA A 117 -32.01 7.39 -24.93
N ILE A 118 -31.17 7.35 -23.88
CA ILE A 118 -30.45 8.55 -23.47
C ILE A 118 -29.41 8.94 -24.51
N LEU A 119 -28.75 7.95 -25.12
CA LEU A 119 -27.68 8.23 -26.06
C LEU A 119 -28.22 8.74 -27.40
N GLY A 120 -29.38 8.26 -27.82
CA GLY A 120 -30.00 8.76 -29.04
C GLY A 120 -29.12 8.67 -30.26
N VAL A 121 -28.39 7.57 -30.42
CA VAL A 121 -27.55 7.38 -31.59
C VAL A 121 -28.43 6.87 -32.72
N PRO A 122 -28.53 7.57 -33.84
CA PRO A 122 -29.49 7.14 -34.85
C PRO A 122 -28.95 6.09 -35.83
N TRP A 123 -28.26 5.07 -35.33
CA TRP A 123 -27.69 4.04 -36.18
C TRP A 123 -28.56 2.78 -36.15
N LYS A 124 -28.48 2.01 -37.23
CA LYS A 124 -29.18 0.73 -37.28
C LYS A 124 -28.61 -0.23 -36.23
N ASP A 125 -29.51 -0.95 -35.56
CA ASP A 125 -29.07 -1.94 -34.59
C ASP A 125 -28.10 -2.93 -35.24
N LYS A 126 -27.23 -3.51 -34.41
CA LYS A 126 -26.20 -4.42 -34.89
C LYS A 126 -26.81 -5.59 -35.65
N ARG A 131 -30.31 -4.12 -30.74
CA ARG A 131 -29.63 -3.31 -29.75
C ARG A 131 -28.64 -2.35 -30.41
N LEU A 132 -28.26 -1.30 -29.69
CA LEU A 132 -27.27 -0.36 -30.18
C LEU A 132 -25.95 -1.07 -30.43
N ASP A 133 -25.19 -0.57 -31.41
CA ASP A 133 -23.87 -1.12 -31.72
C ASP A 133 -22.86 -0.43 -30.82
N ALA A 134 -22.81 -0.86 -29.56
CA ALA A 134 -21.96 -0.23 -28.57
C ALA A 134 -20.50 -0.25 -28.98
N HIS A 135 -20.06 -1.28 -29.69
CA HIS A 135 -18.66 -1.34 -30.13
C HIS A 135 -18.34 -0.22 -31.11
N LYS A 136 -19.25 0.05 -32.05
CA LYS A 136 -19.02 1.10 -33.03
C LYS A 136 -19.06 2.48 -32.38
N VAL A 137 -19.89 2.66 -31.34
CA VAL A 137 -19.94 3.94 -30.65
C VAL A 137 -18.64 4.17 -29.88
N LEU A 138 -18.22 3.20 -29.07
CA LEU A 138 -17.01 3.36 -28.27
C LEU A 138 -15.79 3.54 -29.16
N SER A 139 -15.74 2.82 -30.29
CA SER A 139 -14.64 3.02 -31.23
C SER A 139 -14.70 4.39 -31.88
N ALA A 140 -15.89 4.98 -31.98
CA ALA A 140 -16.02 6.32 -32.51
C ALA A 140 -15.57 7.38 -31.51
N LEU A 141 -15.78 7.12 -30.21
CA LEU A 141 -15.32 8.07 -29.19
C LEU A 141 -13.81 8.10 -29.10
N GLN A 142 -13.16 6.93 -29.20
CA GLN A 142 -11.70 6.93 -29.27
C GLN A 142 -11.20 7.60 -30.55
N ALA A 143 -12.03 7.64 -31.59
CA ALA A 143 -11.64 8.32 -32.82
C ALA A 143 -11.63 9.84 -32.62
N VAL A 144 -12.61 10.39 -31.91
CA VAL A 144 -12.61 11.83 -31.68
C VAL A 144 -11.48 12.20 -30.72
N GLN A 145 -11.06 11.26 -29.88
CA GLN A 145 -9.88 11.48 -29.06
C GLN A 145 -8.64 11.60 -29.93
N GLY A 146 -8.44 10.62 -30.83
CA GLY A 146 -7.26 10.65 -31.69
C GLY A 146 -7.25 11.83 -32.65
N LEU A 147 -8.43 12.28 -33.09
CA LEU A 147 -8.50 13.43 -33.98
C LEU A 147 -7.98 14.69 -33.30
N LEU A 148 -8.28 14.86 -32.00
CA LEU A 148 -7.83 16.04 -31.28
C LEU A 148 -6.32 16.04 -31.10
N VAL A 149 -5.76 14.95 -30.57
CA VAL A 149 -4.34 14.92 -30.24
C VAL A 149 -3.47 14.75 -31.47
N ALA A 150 -4.03 14.27 -32.58
CA ALA A 150 -3.25 14.15 -33.81
C ALA A 150 -2.91 15.50 -34.43
N GLN A 151 -3.30 16.60 -33.80
CA GLN A 151 -2.99 17.92 -34.30
C GLN A 151 -1.90 18.58 -33.45
N GLN A 159 1.64 19.60 -28.06
CA GLN A 159 0.80 20.78 -27.94
C GLN A 159 -0.51 20.43 -27.25
N LEU A 160 -1.19 19.40 -27.77
CA LEU A 160 -2.45 18.93 -27.20
C LEU A 160 -2.22 17.54 -26.62
N LEU A 161 -2.70 17.32 -25.39
CA LEU A 161 -2.59 16.03 -24.73
C LEU A 161 -3.94 15.69 -24.11
N LEU A 162 -4.57 14.64 -24.62
CA LEU A 162 -5.83 14.14 -24.07
C LEU A 162 -5.66 12.66 -23.78
N SER A 163 -5.93 12.26 -22.55
CA SER A 163 -5.79 10.88 -22.12
C SER A 163 -7.03 10.48 -21.32
N THR A 164 -7.52 9.27 -21.58
CA THR A 164 -8.67 8.72 -20.89
C THR A 164 -8.34 7.32 -20.41
N VAL A 165 -8.55 7.07 -19.12
CA VAL A 165 -8.41 5.74 -18.54
C VAL A 165 -9.66 5.45 -17.73
N VAL A 166 -10.12 4.21 -17.78
CA VAL A 166 -11.35 3.78 -17.12
C VAL A 166 -10.99 2.80 -16.01
N GLY A 167 -11.45 3.10 -14.79
CA GLY A 167 -11.29 2.19 -13.67
C GLY A 167 -12.59 1.51 -13.31
N VAL A 168 -12.60 0.18 -13.37
CA VAL A 168 -13.77 -0.62 -13.02
C VAL A 168 -13.48 -1.25 -11.67
N PHE A 169 -14.00 -0.64 -10.60
CA PHE A 169 -13.69 -1.05 -9.24
C PHE A 169 -14.85 -1.85 -8.68
N THR A 170 -14.56 -3.09 -8.28
CA THR A 170 -15.57 -4.07 -7.90
C THR A 170 -15.32 -4.58 -6.49
N ALA A 171 -16.36 -5.16 -5.90
CA ALA A 171 -16.21 -5.80 -4.60
C ALA A 171 -15.26 -6.99 -4.72
N PRO A 172 -14.69 -7.45 -3.61
CA PRO A 172 -13.76 -8.59 -3.68
C PRO A 172 -14.48 -9.85 -4.14
N GLY A 173 -13.91 -10.51 -5.15
CA GLY A 173 -14.44 -11.77 -5.62
C GLY A 173 -15.49 -11.66 -6.71
N LEU A 174 -15.89 -10.45 -7.09
CA LEU A 174 -16.87 -10.29 -8.16
C LEU A 174 -16.26 -10.68 -9.50
N HIS A 175 -16.99 -11.47 -10.27
CA HIS A 175 -16.49 -12.02 -11.53
C HIS A 175 -16.85 -11.09 -12.68
N LEU A 176 -15.83 -10.59 -13.38
CA LEU A 176 -16.03 -9.78 -14.57
C LEU A 176 -16.04 -10.67 -15.81
N LYS A 177 -16.96 -10.39 -16.72
CA LYS A 177 -17.04 -11.14 -17.97
C LYS A 177 -16.06 -10.56 -18.98
N GLN A 178 -15.30 -11.44 -19.63
CA GLN A 178 -14.21 -10.98 -20.50
C GLN A 178 -14.71 -10.16 -21.67
N PRO A 179 -15.76 -10.57 -22.40
CA PRO A 179 -16.19 -9.76 -23.55
C PRO A 179 -16.52 -8.32 -23.18
N PHE A 180 -16.94 -8.07 -21.93
CA PHE A 180 -17.23 -6.71 -21.51
C PHE A 180 -15.96 -5.89 -21.31
N VAL A 181 -14.98 -6.46 -20.60
CA VAL A 181 -13.71 -5.76 -20.39
C VAL A 181 -13.03 -5.50 -21.73
N GLN A 182 -13.05 -6.48 -22.62
CA GLN A 182 -12.37 -6.31 -23.90
C GLN A 182 -13.05 -5.26 -24.77
N GLY A 183 -14.35 -5.02 -24.57
CA GLY A 183 -15.04 -4.01 -25.34
C GLY A 183 -14.81 -2.61 -24.83
N LEU A 184 -14.54 -2.45 -23.54
CA LEU A 184 -14.12 -1.14 -23.03
C LEU A 184 -12.82 -0.70 -23.67
N ALA A 185 -11.95 -1.64 -24.03
CA ALA A 185 -10.70 -1.29 -24.69
C ALA A 185 -10.93 -0.60 -26.02
N LEU A 186 -12.14 -0.68 -26.58
CA LEU A 186 -12.47 0.09 -27.77
C LEU A 186 -12.65 1.57 -27.43
N TYR A 187 -13.13 1.85 -26.22
CA TYR A 187 -13.24 3.23 -25.77
C TYR A 187 -11.86 3.83 -25.51
N THR A 188 -11.01 3.12 -24.77
CA THR A 188 -9.69 3.61 -24.44
C THR A 188 -8.77 2.42 -24.22
N PRO A 189 -7.54 2.44 -24.73
CA PRO A 189 -6.64 1.31 -24.51
C PRO A 189 -6.35 1.02 -23.05
N VAL A 190 -6.51 1.99 -22.16
CA VAL A 190 -6.16 1.83 -20.75
C VAL A 190 -7.46 1.56 -19.99
N VAL A 191 -7.65 0.30 -19.61
CA VAL A 191 -8.77 -0.12 -18.76
C VAL A 191 -8.19 -0.86 -17.58
N LEU A 192 -8.52 -0.41 -16.36
CA LEU A 192 -7.91 -0.91 -15.14
C LEU A 192 -8.99 -1.47 -14.22
N PRO A 193 -9.36 -2.74 -14.36
CA PRO A 193 -10.29 -3.36 -13.40
C PRO A 193 -9.54 -3.83 -12.16
N ARG A 194 -10.02 -3.41 -10.99
CA ARG A 194 -9.43 -3.81 -9.73
C ARG A 194 -10.55 -4.09 -8.72
N SER A 195 -10.31 -5.05 -7.84
CA SER A 195 -11.27 -5.39 -6.80
C SER A 195 -10.90 -4.66 -5.50
N LEU A 196 -11.92 -4.39 -4.70
CA LEU A 196 -11.79 -3.45 -3.59
C LEU A 196 -12.90 -3.71 -2.59
N ASP A 197 -12.58 -3.56 -1.31
CA ASP A 197 -13.55 -3.78 -0.24
C ASP A 197 -14.36 -2.49 -0.02
N PHE A 198 -15.63 -2.52 -0.39
CA PHE A 198 -16.50 -1.36 -0.26
C PHE A 198 -17.14 -1.23 1.11
N THR A 199 -17.07 -2.26 1.95
CA THR A 199 -17.72 -2.19 3.26
C THR A 199 -17.24 -0.99 4.05
N GLU A 200 -15.92 -0.87 4.21
CA GLU A 200 -15.31 0.35 4.71
C GLU A 200 -15.31 1.34 3.56
N LEU A 201 -16.23 2.30 3.58
CA LEU A 201 -16.47 3.13 2.41
C LEU A 201 -15.51 4.32 2.34
N ASP A 202 -15.36 5.06 3.45
CA ASP A 202 -14.45 6.19 3.45
C ASP A 202 -13.04 5.77 3.04
N VAL A 203 -12.63 4.55 3.40
CA VAL A 203 -11.32 4.07 2.97
C VAL A 203 -11.35 3.69 1.50
N ALA A 204 -12.50 3.20 1.02
CA ALA A 204 -12.62 2.83 -0.39
C ALA A 204 -12.34 4.03 -1.29
N ALA A 205 -12.86 5.21 -0.93
CA ALA A 205 -12.63 6.39 -1.75
C ALA A 205 -11.17 6.81 -1.72
N GLU A 206 -10.46 6.54 -0.62
CA GLU A 206 -9.04 6.86 -0.56
C GLU A 206 -8.23 5.90 -1.41
N LYS A 207 -8.58 4.61 -1.39
CA LYS A 207 -7.82 3.62 -2.16
C LYS A 207 -7.97 3.85 -3.65
N ILE A 208 -9.16 4.23 -4.11
CA ILE A 208 -9.35 4.51 -5.52
C ILE A 208 -8.56 5.74 -5.93
N ASP A 209 -8.54 6.78 -5.09
CA ASP A 209 -7.76 7.97 -5.40
C ASP A 209 -6.25 7.68 -5.27
N ARG A 210 -5.85 7.07 -4.16
CA ARG A 210 -4.44 6.73 -3.99
C ARG A 210 -3.96 5.78 -5.09
N PHE A 211 -4.86 4.94 -5.60
CA PHE A 211 -4.51 4.05 -6.70
C PHE A 211 -4.43 4.81 -8.02
N MET A 212 -5.46 5.59 -8.35
CA MET A 212 -5.48 6.29 -9.63
C MET A 212 -4.34 7.30 -9.72
N GLN A 213 -4.05 7.99 -8.63
CA GLN A 213 -2.96 8.97 -8.65
C GLN A 213 -1.61 8.27 -8.77
N ALA A 214 -1.45 7.11 -8.13
CA ALA A 214 -0.19 6.38 -8.22
C ALA A 214 0.05 5.87 -9.63
N VAL A 215 -1.01 5.45 -10.32
CA VAL A 215 -0.84 4.86 -11.65
C VAL A 215 -0.86 5.90 -12.76
N THR A 216 -1.53 7.05 -12.54
CA THR A 216 -1.56 8.12 -13.53
C THR A 216 -0.64 9.28 -13.20
N GLY A 217 -0.49 9.60 -11.90
CA GLY A 217 0.22 10.79 -11.50
C GLY A 217 -0.62 12.04 -11.47
N TRP A 218 -1.92 11.93 -11.71
CA TRP A 218 -2.82 13.08 -11.75
C TRP A 218 -3.37 13.35 -10.35
N LYS A 219 -4.33 14.26 -10.26
CA LYS A 219 -5.12 14.49 -9.06
C LYS A 219 -6.56 14.06 -9.33
N THR A 220 -7.20 13.52 -8.29
CA THR A 220 -8.51 12.89 -8.45
C THR A 220 -9.40 13.23 -7.27
N GLY A 221 -10.67 12.86 -7.41
CA GLY A 221 -11.64 13.02 -6.34
C GLY A 221 -12.76 12.03 -6.54
N SER A 222 -13.37 11.62 -5.42
CA SER A 222 -14.40 10.59 -5.47
C SER A 222 -15.24 10.63 -4.21
N SER A 223 -16.39 9.96 -4.27
CA SER A 223 -17.29 9.87 -3.14
C SER A 223 -18.31 8.76 -3.34
N SER A 228 -23.16 3.68 -1.43
CA SER A 228 -23.59 3.02 -0.20
C SER A 228 -22.70 1.84 0.14
N VAL A 229 -22.95 1.22 1.30
CA VAL A 229 -22.18 0.05 1.70
C VAL A 229 -22.57 -1.18 0.90
N ASP A 230 -23.76 -1.21 0.31
CA ASP A 230 -24.17 -2.33 -0.53
C ASP A 230 -23.42 -2.36 -1.85
N SER A 231 -22.72 -1.28 -2.20
CA SER A 231 -22.11 -1.16 -3.52
C SER A 231 -21.13 -2.30 -3.78
N THR A 232 -21.14 -2.80 -5.01
CA THR A 232 -20.17 -3.78 -5.47
C THR A 232 -19.52 -3.39 -6.79
N LEU A 233 -19.90 -2.25 -7.37
CA LEU A 233 -19.32 -1.76 -8.61
C LEU A 233 -19.21 -0.24 -8.55
N ALA A 234 -18.06 0.28 -8.99
CA ALA A 234 -17.86 1.70 -9.20
C ALA A 234 -17.19 1.88 -10.54
N PHE A 235 -17.89 2.52 -11.48
CA PHE A 235 -17.42 2.67 -12.85
C PHE A 235 -17.02 4.13 -13.05
N ASN A 236 -15.71 4.39 -12.97
CA ASN A 236 -15.18 5.74 -12.97
C ASN A 236 -14.32 5.97 -14.20
N THR A 237 -14.54 7.09 -14.88
CA THR A 237 -13.73 7.52 -16.01
C THR A 237 -12.84 8.68 -15.57
N TYR A 238 -11.56 8.58 -15.87
CA TYR A 238 -10.57 9.59 -15.52
C TYR A 238 -9.90 10.08 -16.80
N VAL A 239 -10.01 11.38 -17.07
CA VAL A 239 -9.47 11.96 -18.29
C VAL A 239 -8.60 13.16 -17.94
N HIS A 240 -7.48 13.29 -18.62
CA HIS A 240 -6.50 14.35 -18.40
C HIS A 240 -6.30 15.13 -19.69
N PHE A 241 -6.48 16.44 -19.63
CA PHE A 241 -6.27 17.33 -20.77
C PHE A 241 -5.18 18.33 -20.44
N GLN A 242 -4.22 18.48 -21.35
CA GLN A 242 -3.14 19.46 -21.23
C GLN A 242 -3.03 20.19 -22.56
N GLY A 243 -3.36 21.47 -22.57
CA GLY A 243 -3.33 22.27 -23.78
C GLY A 243 -2.26 23.34 -23.77
N LYS A 244 -1.23 23.17 -24.59
CA LYS A 244 -0.18 24.17 -24.75
C LYS A 244 -0.58 25.13 -25.86
N MET A 245 -0.81 26.39 -25.52
CA MET A 245 -1.11 27.41 -26.52
C MET A 245 0.19 28.07 -26.93
N LYS A 246 0.54 27.95 -28.20
CA LYS A 246 1.74 28.59 -28.73
C LYS A 246 1.43 30.02 -29.11
N GLY A 247 2.43 30.89 -28.96
CA GLY A 247 2.21 32.32 -29.03
C GLY A 247 1.82 32.95 -27.72
N PHE A 248 1.66 32.14 -26.66
CA PHE A 248 1.38 32.61 -25.32
C PHE A 248 2.58 32.37 -24.43
N SER A 249 2.54 32.94 -23.23
CA SER A 249 3.62 32.78 -22.29
C SER A 249 3.10 33.03 -20.88
N LEU A 250 3.73 32.36 -19.92
CA LEU A 250 3.40 32.54 -18.51
C LEU A 250 4.09 33.80 -18.02
N LEU A 251 3.31 34.84 -17.71
CA LEU A 251 3.90 36.07 -17.22
C LEU A 251 4.56 35.87 -15.87
N ALA A 252 5.63 36.63 -15.63
CA ALA A 252 6.38 36.52 -14.39
C ALA A 252 5.55 36.96 -13.20
N GLU A 253 5.01 38.18 -13.26
CA GLU A 253 4.25 38.71 -12.13
C GLU A 253 2.79 38.23 -12.23
N PRO A 254 2.19 37.83 -11.11
CA PRO A 254 0.75 37.53 -11.13
C PRO A 254 -0.07 38.81 -11.20
N GLN A 255 -1.35 38.63 -11.51
CA GLN A 255 -2.30 39.73 -11.58
C GLN A 255 -3.53 39.37 -10.76
N GLU A 256 -4.23 40.40 -10.29
CA GLU A 256 -5.36 40.18 -9.40
C GLU A 256 -6.55 39.62 -10.18
N PHE A 257 -7.17 38.58 -9.64
CA PHE A 257 -8.38 37.99 -10.20
C PHE A 257 -9.51 38.21 -9.21
N TRP A 258 -10.58 38.85 -9.68
CA TRP A 258 -11.69 39.22 -8.81
C TRP A 258 -12.73 38.11 -8.81
N VAL A 259 -12.73 37.29 -7.76
CA VAL A 259 -13.80 36.32 -7.61
C VAL A 259 -15.12 37.05 -7.34
N ASP A 260 -15.05 38.09 -6.51
CA ASP A 260 -16.17 39.01 -6.30
C ASP A 260 -15.66 40.42 -6.54
N GLN A 261 -16.59 41.38 -6.53
CA GLN A 261 -16.20 42.79 -6.48
C GLN A 261 -15.56 43.14 -5.14
N SER A 262 -15.70 42.28 -4.13
CA SER A 262 -15.14 42.49 -2.80
C SER A 262 -13.85 41.70 -2.61
N THR A 263 -13.84 40.43 -2.99
CA THR A 263 -12.69 39.56 -2.78
C THR A 263 -11.87 39.50 -4.06
N SER A 264 -10.56 39.29 -3.89
CA SER A 264 -9.67 39.23 -5.04
C SER A 264 -8.48 38.34 -4.71
N VAL A 265 -7.98 37.64 -5.71
CA VAL A 265 -6.82 36.76 -5.57
C VAL A 265 -5.88 36.99 -6.73
N SER A 266 -4.58 36.94 -6.46
CA SER A 266 -3.57 37.05 -7.50
C SER A 266 -3.32 35.68 -8.11
N VAL A 267 -3.15 35.65 -9.44
CA VAL A 267 -3.10 34.38 -10.16
C VAL A 267 -2.03 34.48 -11.24
N PRO A 268 -1.29 33.40 -11.51
CA PRO A 268 -0.41 33.40 -12.69
C PRO A 268 -1.24 33.50 -13.97
N MET A 269 -0.86 34.42 -14.84
CA MET A 269 -1.62 34.75 -16.03
C MET A 269 -0.87 34.33 -17.28
N LEU A 270 -1.60 33.77 -18.24
CA LEU A 270 -1.09 33.58 -19.58
C LEU A 270 -1.31 34.86 -20.40
N SER A 271 -0.49 35.04 -21.42
CA SER A 271 -0.56 36.26 -22.22
C SER A 271 -0.15 35.95 -23.66
N GLY A 272 -1.01 36.30 -24.61
CA GLY A 272 -0.73 36.05 -26.01
C GLY A 272 -1.39 37.07 -26.89
N MET A 273 -0.79 37.31 -28.05
CA MET A 273 -1.30 38.26 -29.04
C MET A 273 -1.36 37.61 -30.41
N GLY A 274 -2.46 37.83 -31.11
CA GLY A 274 -2.63 37.29 -32.44
C GLY A 274 -3.97 37.71 -33.00
N THR A 275 -4.25 37.21 -34.21
CA THR A 275 -5.55 37.44 -34.85
C THR A 275 -6.51 36.37 -34.37
N PHE A 276 -7.17 36.65 -33.25
CA PHE A 276 -8.14 35.72 -32.66
C PHE A 276 -9.55 36.16 -33.02
N GLN A 277 -10.42 35.18 -33.26
CA GLN A 277 -11.82 35.47 -33.54
C GLN A 277 -12.49 36.03 -32.30
N HIS A 278 -13.46 36.91 -32.51
CA HIS A 278 -14.09 37.60 -31.40
C HIS A 278 -15.47 38.11 -31.81
N TRP A 279 -16.30 38.38 -30.81
CA TRP A 279 -17.62 38.94 -31.04
C TRP A 279 -18.15 39.50 -29.72
N SER A 280 -18.73 40.69 -29.79
CA SER A 280 -19.34 41.35 -28.64
C SER A 280 -20.85 41.32 -28.82
N ASP A 281 -21.55 40.65 -27.91
CA ASP A 281 -23.01 40.53 -27.95
C ASP A 281 -23.58 41.68 -27.13
N ILE A 282 -23.98 42.74 -27.83
CA ILE A 282 -24.55 43.91 -27.14
C ILE A 282 -25.92 43.57 -26.56
N GLN A 283 -26.71 42.77 -27.29
CA GLN A 283 -28.04 42.42 -26.82
C GLN A 283 -27.96 41.66 -25.50
N ASP A 284 -27.18 40.58 -25.46
CA ASP A 284 -27.02 39.78 -24.25
C ASP A 284 -25.80 40.19 -23.44
N GLN A 285 -25.20 41.33 -23.74
CA GLN A 285 -24.07 41.89 -23.00
C GLN A 285 -23.09 40.81 -22.56
N PHE A 286 -22.40 40.20 -23.52
CA PHE A 286 -21.26 39.33 -23.23
C PHE A 286 -20.39 39.28 -24.48
N SER A 287 -19.16 38.82 -24.29
CA SER A 287 -18.19 38.76 -25.38
C SER A 287 -17.56 37.38 -25.44
N VAL A 288 -17.26 36.93 -26.66
CA VAL A 288 -16.68 35.63 -26.91
C VAL A 288 -15.31 35.82 -27.54
N THR A 289 -14.34 35.01 -27.12
CA THR A 289 -13.02 34.99 -27.71
C THR A 289 -12.66 33.55 -28.06
N GLN A 290 -12.17 33.33 -29.27
CA GLN A 290 -11.81 32.01 -29.76
C GLN A 290 -10.34 32.03 -30.15
N VAL A 291 -9.50 31.42 -29.33
CA VAL A 291 -8.06 31.32 -29.58
C VAL A 291 -7.77 29.89 -30.00
N PRO A 292 -7.18 29.64 -31.17
CA PRO A 292 -7.03 28.26 -31.63
C PRO A 292 -5.93 27.51 -30.91
N PHE A 293 -6.11 26.19 -30.83
CA PHE A 293 -5.01 25.29 -30.53
C PHE A 293 -4.35 24.80 -31.82
N THR A 294 -5.17 24.49 -32.81
CA THR A 294 -4.70 23.91 -34.07
C THR A 294 -5.59 24.48 -35.18
N GLU A 295 -5.56 23.83 -36.35
CA GLU A 295 -6.38 24.28 -37.46
C GLU A 295 -7.87 24.03 -37.19
N SER A 296 -8.20 22.96 -36.47
CA SER A 296 -9.59 22.61 -36.19
C SER A 296 -9.97 22.75 -34.72
N ALA A 297 -9.04 22.58 -33.80
CA ALA A 297 -9.34 22.60 -32.37
C ALA A 297 -9.03 23.98 -31.81
N SER A 298 -9.96 24.51 -31.00
CA SER A 298 -9.84 25.86 -30.47
C SER A 298 -10.37 25.90 -29.05
N LEU A 299 -10.08 27.00 -28.36
CA LEU A 299 -10.60 27.30 -27.04
C LEU A 299 -11.55 28.48 -27.15
N LEU A 300 -12.71 28.37 -26.51
CA LEU A 300 -13.70 29.43 -26.48
C LEU A 300 -13.75 30.06 -25.10
N LEU A 301 -13.93 31.38 -25.05
CA LEU A 301 -13.92 32.12 -23.79
C LEU A 301 -15.09 33.10 -23.79
N ILE A 302 -16.11 32.84 -22.98
CA ILE A 302 -17.28 33.70 -22.86
C ILE A 302 -17.10 34.56 -21.62
N GLN A 303 -17.05 35.87 -21.83
CA GLN A 303 -16.85 36.83 -20.73
C GLN A 303 -18.11 37.68 -20.57
N PRO A 304 -18.84 37.56 -19.46
CA PRO A 304 -20.03 38.41 -19.29
C PRO A 304 -19.66 39.86 -19.04
N HIS A 305 -20.42 40.77 -19.65
CA HIS A 305 -20.16 42.20 -19.48
C HIS A 305 -20.12 42.57 -18.00
N TYR A 306 -21.04 42.01 -17.21
CA TYR A 306 -21.09 42.24 -15.77
C TYR A 306 -21.02 40.90 -15.05
N ALA A 307 -20.45 40.91 -13.85
CA ALA A 307 -20.17 39.67 -13.14
C ALA A 307 -21.45 38.89 -12.84
N SER A 308 -22.52 39.59 -12.47
CA SER A 308 -23.75 38.91 -12.04
C SER A 308 -24.39 38.12 -13.18
N ASP A 309 -24.14 38.51 -14.43
CA ASP A 309 -24.78 37.85 -15.57
C ASP A 309 -24.19 36.46 -15.85
N LEU A 310 -23.24 35.99 -15.03
CA LEU A 310 -22.53 34.77 -15.34
C LEU A 310 -23.49 33.60 -15.56
N ASP A 311 -24.42 33.40 -14.61
CA ASP A 311 -25.30 32.24 -14.68
C ASP A 311 -26.31 32.37 -15.82
N LYS A 312 -26.68 33.60 -16.18
CA LYS A 312 -27.62 33.81 -17.28
C LYS A 312 -26.90 33.74 -18.63
N VAL A 313 -25.72 34.37 -18.73
CA VAL A 313 -24.94 34.26 -19.95
C VAL A 313 -24.61 32.80 -20.24
N GLU A 314 -24.41 32.00 -19.19
CA GLU A 314 -24.16 30.57 -19.38
C GLU A 314 -25.35 29.90 -20.05
N GLY A 315 -26.57 30.25 -19.64
CA GLY A 315 -27.75 29.65 -20.22
C GLY A 315 -27.90 29.95 -21.69
N LEU A 316 -27.45 31.13 -22.14
CA LEU A 316 -27.60 31.52 -23.53
C LEU A 316 -26.57 30.82 -24.42
N THR A 317 -25.36 30.59 -23.92
CA THR A 317 -24.30 30.03 -24.73
C THR A 317 -24.38 28.50 -24.78
N PHE A 318 -24.37 27.86 -23.61
CA PHE A 318 -24.37 26.39 -23.53
C PHE A 318 -25.78 25.91 -23.84
N GLN A 319 -26.04 25.72 -25.12
CA GLN A 319 -27.38 25.41 -25.63
C GLN A 319 -27.28 25.16 -27.13
N GLN A 320 -28.19 24.37 -27.69
CA GLN A 320 -28.12 24.01 -29.10
C GLN A 320 -28.25 25.27 -29.96
N LYS A 328 -20.51 33.43 -35.81
CA LYS A 328 -20.80 34.84 -35.62
C LYS A 328 -19.53 35.61 -35.24
N LEU A 329 -18.44 34.86 -35.06
CA LEU A 329 -17.13 35.44 -34.77
C LEU A 329 -16.48 35.96 -36.05
N SER A 330 -15.59 36.93 -35.89
CA SER A 330 -14.82 37.47 -37.00
C SER A 330 -13.42 37.81 -36.50
N PRO A 331 -12.41 37.78 -37.39
CA PRO A 331 -11.04 38.00 -36.94
C PRO A 331 -10.82 39.39 -36.37
N ARG A 332 -9.92 39.48 -35.40
CA ARG A 332 -9.51 40.74 -34.80
C ARG A 332 -8.18 40.54 -34.10
N THR A 333 -7.35 41.58 -34.10
CA THR A 333 -6.08 41.53 -33.39
C THR A 333 -6.32 41.73 -31.89
N ILE A 334 -6.01 40.71 -31.10
CA ILE A 334 -6.34 40.67 -29.68
C ILE A 334 -5.09 40.36 -28.88
N HIS A 335 -4.92 41.05 -27.76
CA HIS A 335 -3.93 40.72 -26.75
C HIS A 335 -4.70 40.10 -25.58
N LEU A 336 -4.70 38.78 -25.50
CA LEU A 336 -5.45 38.08 -24.46
C LEU A 336 -4.58 37.84 -23.24
N THR A 337 -5.17 38.08 -22.07
CA THR A 337 -4.54 37.76 -20.79
C THR A 337 -5.57 36.99 -19.96
N MET A 338 -5.28 35.73 -19.67
CA MET A 338 -6.20 34.88 -18.93
C MET A 338 -5.42 34.06 -17.92
N PRO A 339 -6.10 33.58 -16.87
CA PRO A 339 -5.41 32.76 -15.87
C PRO A 339 -4.90 31.45 -16.44
N GLN A 340 -3.68 31.08 -16.05
CA GLN A 340 -3.24 29.71 -16.24
C GLN A 340 -4.16 28.79 -15.46
N LEU A 341 -4.71 27.79 -16.14
CA LEU A 341 -5.74 26.93 -15.57
C LEU A 341 -5.14 25.56 -15.27
N VAL A 342 -5.02 25.25 -13.98
CA VAL A 342 -4.68 23.91 -13.51
C VAL A 342 -5.85 23.49 -12.62
N LEU A 343 -6.82 22.81 -13.22
CA LEU A 343 -8.12 22.56 -12.59
C LEU A 343 -8.34 21.06 -12.44
N GLN A 344 -9.00 20.67 -11.35
CA GLN A 344 -9.40 19.29 -11.13
C GLN A 344 -10.80 19.27 -10.54
N GLY A 345 -11.67 18.45 -11.13
CA GLY A 345 -13.03 18.32 -10.65
C GLY A 345 -13.55 16.93 -10.92
N SER A 346 -14.74 16.65 -10.37
CA SER A 346 -15.33 15.33 -10.52
C SER A 346 -16.82 15.40 -10.23
N TYR A 347 -17.58 14.55 -10.91
CA TYR A 347 -19.03 14.50 -10.75
C TYR A 347 -19.51 13.08 -11.04
N ASP A 348 -20.66 12.74 -10.45
CA ASP A 348 -21.32 11.46 -10.72
C ASP A 348 -22.41 11.67 -11.76
N LEU A 349 -22.36 10.88 -12.84
CA LEU A 349 -23.37 10.99 -13.89
C LEU A 349 -24.78 10.85 -13.34
N GLN A 350 -24.94 10.11 -12.23
CA GLN A 350 -26.25 9.97 -11.62
C GLN A 350 -26.79 11.30 -11.10
N ASP A 351 -25.92 12.29 -10.92
CA ASP A 351 -26.35 13.64 -10.56
C ASP A 351 -26.54 14.53 -11.78
N LEU A 352 -25.66 14.40 -12.79
CA LEU A 352 -25.86 15.13 -14.04
C LEU A 352 -27.21 14.77 -14.66
N LEU A 353 -27.49 13.48 -14.78
CA LEU A 353 -28.67 12.99 -15.47
C LEU A 353 -29.76 12.56 -14.50
N ALA A 354 -29.83 13.20 -13.33
CA ALA A 354 -30.92 12.94 -12.40
C ALA A 354 -32.27 13.24 -13.04
N GLN A 355 -32.34 14.24 -13.91
CA GLN A 355 -33.58 14.57 -14.59
C GLN A 355 -33.95 13.53 -15.65
N ALA A 356 -32.96 12.80 -16.17
CA ALA A 356 -33.20 11.70 -17.09
C ALA A 356 -33.47 10.39 -16.36
N GLU A 357 -33.54 10.42 -15.02
CA GLU A 357 -33.83 9.23 -14.22
C GLU A 357 -32.75 8.17 -14.37
N LEU A 358 -31.49 8.61 -14.46
CA LEU A 358 -30.40 7.66 -14.52
C LEU A 358 -30.27 6.90 -13.20
N PRO A 359 -30.45 7.56 -12.05
CA PRO A 359 -30.44 6.80 -10.79
C PRO A 359 -31.42 5.65 -10.78
N ALA A 360 -32.62 5.83 -11.35
CA ALA A 360 -33.57 4.73 -11.46
C ALA A 360 -33.08 3.67 -12.43
N ILE A 361 -32.43 4.09 -13.52
CA ILE A 361 -31.91 3.14 -14.49
C ILE A 361 -30.87 2.22 -13.85
N LEU A 362 -30.15 2.72 -12.85
CA LEU A 362 -29.06 1.97 -12.25
C LEU A 362 -29.37 1.47 -10.84
N HIS A 363 -30.59 1.67 -10.35
CA HIS A 363 -30.96 1.18 -9.02
C HIS A 363 -32.33 0.51 -8.99
N THR A 364 -32.98 0.33 -10.14
CA THR A 364 -34.28 -0.34 -10.19
C THR A 364 -34.32 -1.21 -11.44
N GLU A 365 -34.75 -2.46 -11.27
CA GLU A 365 -34.78 -3.43 -12.37
C GLU A 365 -33.42 -3.53 -13.05
N LEU A 366 -32.35 -3.29 -12.30
CA LEU A 366 -31.03 -3.27 -12.88
C LEU A 366 -30.69 -4.63 -13.48
N ASN A 367 -30.04 -4.61 -14.65
CA ASN A 367 -29.66 -5.83 -15.34
C ASN A 367 -28.35 -5.54 -16.09
N LEU A 368 -27.24 -5.64 -15.36
CA LEU A 368 -25.92 -5.51 -15.95
C LEU A 368 -25.28 -6.89 -16.04
N GLN A 369 -26.02 -7.87 -16.54
CA GLN A 369 -25.57 -9.25 -16.52
C GLN A 369 -24.57 -9.58 -17.62
N LYS A 370 -24.41 -8.69 -18.61
CA LYS A 370 -23.26 -8.81 -19.50
C LYS A 370 -21.98 -8.32 -18.84
N LEU A 371 -22.10 -7.56 -17.74
CA LEU A 371 -20.93 -7.12 -16.99
C LEU A 371 -20.47 -8.21 -16.03
N SER A 372 -21.38 -8.76 -15.24
CA SER A 372 -21.05 -9.82 -14.29
C SER A 372 -22.30 -10.58 -13.94
N ASN A 373 -22.13 -11.89 -13.69
CA ASN A 373 -23.23 -12.71 -13.18
C ASN A 373 -23.54 -12.42 -11.73
N ASP A 374 -22.60 -11.81 -11.00
CA ASP A 374 -22.78 -11.58 -9.57
C ASP A 374 -23.60 -10.32 -9.31
N ARG A 375 -24.07 -10.20 -8.08
CA ARG A 375 -24.94 -9.09 -7.70
C ARG A 375 -24.21 -7.77 -7.83
N ILE A 376 -24.77 -6.86 -8.61
CA ILE A 376 -24.17 -5.54 -8.86
C ILE A 376 -25.00 -4.47 -8.17
N ARG A 377 -24.34 -3.66 -7.36
CA ARG A 377 -24.95 -2.48 -6.74
C ARG A 377 -24.05 -1.30 -7.03
N VAL A 378 -24.53 -0.35 -7.83
CA VAL A 378 -23.68 0.74 -8.30
C VAL A 378 -23.46 1.73 -7.16
N GLY A 379 -22.21 1.93 -6.79
CA GLY A 379 -21.85 2.92 -5.78
C GLY A 379 -21.69 4.31 -6.34
N GLU A 380 -20.99 4.43 -7.46
CA GLU A 380 -20.80 5.71 -8.12
C GLU A 380 -20.45 5.47 -9.58
N VAL A 381 -20.90 6.39 -10.43
CA VAL A 381 -20.52 6.41 -11.85
C VAL A 381 -19.81 7.75 -12.06
N LEU A 382 -18.49 7.73 -11.95
CA LEU A 382 -17.71 8.95 -11.80
C LEU A 382 -17.16 9.45 -13.13
N ASN A 383 -16.95 10.76 -13.19
CA ASN A 383 -16.12 11.40 -14.20
C ASN A 383 -15.19 12.35 -13.46
N SER A 384 -13.88 12.09 -13.56
CA SER A 384 -12.86 12.90 -12.90
C SER A 384 -11.97 13.52 -13.97
N ILE A 385 -11.84 14.84 -13.93
CA ILE A 385 -11.23 15.61 -15.00
C ILE A 385 -10.04 16.37 -14.44
N PHE A 386 -8.89 16.22 -15.07
CA PHE A 386 -7.69 17.02 -14.78
C PHE A 386 -7.44 17.89 -16.01
N PHE A 387 -7.85 19.15 -15.92
CA PHE A 387 -7.83 20.08 -17.05
C PHE A 387 -6.71 21.09 -16.85
N GLU A 388 -5.73 21.09 -17.76
CA GLU A 388 -4.60 22.00 -17.71
C GLU A 388 -4.58 22.87 -18.95
N LEU A 389 -4.43 24.18 -18.76
CA LEU A 389 -4.23 25.12 -19.85
C LEU A 389 -2.97 25.91 -19.54
N GLU A 390 -1.93 25.71 -20.34
CA GLU A 390 -0.59 26.21 -20.02
C GLU A 390 0.01 26.90 -21.23
N ALA A 391 1.20 27.46 -21.05
CA ALA A 391 1.85 28.27 -22.07
C ALA A 391 2.61 27.40 -23.07
N GLU A 407 -6.67 48.91 -33.42
CA GLU A 407 -5.30 48.46 -33.52
C GLU A 407 -5.11 47.14 -32.77
N VAL A 408 -5.48 47.12 -31.49
CA VAL A 408 -5.40 45.91 -30.68
C VAL A 408 -6.54 45.93 -29.67
N LEU A 409 -7.08 44.76 -29.39
CA LEU A 409 -8.17 44.60 -28.43
C LEU A 409 -7.62 43.87 -27.20
N GLU A 410 -7.58 44.56 -26.07
CA GLU A 410 -7.08 44.00 -24.82
C GLU A 410 -8.22 43.25 -24.14
N VAL A 411 -8.18 41.92 -24.19
CA VAL A 411 -9.13 41.07 -23.50
C VAL A 411 -8.44 40.48 -22.28
N THR A 412 -8.94 40.81 -21.09
CA THR A 412 -8.34 40.37 -19.84
C THR A 412 -9.37 39.60 -19.03
N LEU A 413 -9.12 38.31 -18.81
CA LEU A 413 -9.98 37.48 -17.97
C LEU A 413 -9.49 37.57 -16.53
N ASN A 414 -9.94 38.62 -15.84
CA ASN A 414 -9.69 38.79 -14.42
C ASN A 414 -11.00 38.76 -13.63
N ARG A 415 -12.03 38.12 -14.20
CA ARG A 415 -13.31 37.93 -13.54
C ARG A 415 -13.85 36.55 -13.91
N PRO A 416 -14.87 36.06 -13.21
CA PRO A 416 -15.44 34.76 -13.57
C PRO A 416 -15.86 34.72 -15.04
N PHE A 417 -15.51 33.61 -15.71
CA PHE A 417 -15.79 33.45 -17.13
C PHE A 417 -16.15 31.99 -17.40
N LEU A 418 -16.60 31.75 -18.63
CA LEU A 418 -16.89 30.42 -19.13
C LEU A 418 -15.90 30.08 -20.23
N PHE A 419 -15.64 28.79 -20.42
CA PHE A 419 -14.75 28.35 -21.48
C PHE A 419 -15.26 27.04 -22.06
N ALA A 420 -14.70 26.69 -23.22
CA ALA A 420 -15.05 25.44 -23.88
C ALA A 420 -13.94 25.10 -24.87
N VAL A 421 -13.67 23.82 -25.03
CA VAL A 421 -12.72 23.32 -26.01
C VAL A 421 -13.51 22.61 -27.10
N TYR A 422 -13.40 23.10 -28.32
CA TYR A 422 -14.15 22.58 -29.45
C TYR A 422 -13.20 22.10 -30.52
N ASP A 423 -13.61 21.05 -31.24
CA ASP A 423 -12.83 20.50 -32.34
C ASP A 423 -13.75 20.33 -33.54
N GLN A 424 -13.41 20.98 -34.65
CA GLN A 424 -14.21 20.89 -35.86
C GLN A 424 -14.02 19.56 -36.59
N SER A 425 -12.89 18.89 -36.38
CA SER A 425 -12.67 17.60 -37.00
C SER A 425 -13.79 16.63 -36.65
N ALA A 426 -14.12 16.54 -35.36
CA ALA A 426 -15.19 15.66 -34.89
C ALA A 426 -16.39 16.44 -34.37
N THR A 427 -16.46 17.74 -34.66
CA THR A 427 -17.56 18.59 -34.22
C THR A 427 -17.98 18.24 -32.80
N ALA A 428 -17.00 18.23 -31.90
CA ALA A 428 -17.16 17.68 -30.56
C ALA A 428 -16.77 18.72 -29.51
N LEU A 429 -17.64 18.94 -28.54
CA LEU A 429 -17.31 19.73 -27.35
C LEU A 429 -16.59 18.81 -26.38
N HIS A 430 -15.26 18.89 -26.37
CA HIS A 430 -14.49 18.04 -25.46
C HIS A 430 -14.63 18.48 -24.01
N PHE A 431 -14.78 19.77 -23.77
CA PHE A 431 -14.88 20.27 -22.40
C PHE A 431 -15.74 21.53 -22.39
N LEU A 432 -16.62 21.61 -21.38
CA LEU A 432 -17.29 22.84 -21.00
C LEU A 432 -16.94 23.11 -19.54
N GLY A 433 -16.79 24.38 -19.19
CA GLY A 433 -16.35 24.70 -17.84
C GLY A 433 -16.71 26.10 -17.42
N ARG A 434 -16.43 26.38 -16.16
CA ARG A 434 -16.73 27.67 -15.54
C ARG A 434 -15.68 27.94 -14.48
N VAL A 435 -14.99 29.07 -14.61
CA VAL A 435 -13.88 29.39 -13.72
C VAL A 435 -14.23 30.61 -12.87
N ALA A 436 -14.86 30.36 -11.72
CA ALA A 436 -15.10 31.41 -10.74
C ALA A 436 -13.86 31.76 -9.93
N ASN A 437 -12.88 30.85 -9.86
CA ASN A 437 -11.65 31.10 -9.13
C ASN A 437 -10.56 30.18 -9.70
N PRO A 438 -9.49 30.74 -10.28
CA PRO A 438 -8.46 29.87 -10.89
C PRO A 438 -7.74 28.96 -9.91
N LEU A 439 -7.67 29.32 -8.63
CA LEU A 439 -7.09 28.47 -7.60
C LEU A 439 -8.20 27.74 -6.85
N SER A 440 -7.90 26.50 -6.45
CA SER A 440 -8.85 25.68 -5.70
C SER A 440 -8.15 24.98 -4.53
N PRO B 22 9.62 -37.90 40.55
CA PRO B 22 8.73 -38.53 39.56
C PRO B 22 9.08 -38.14 38.12
N THR B 23 8.55 -38.89 37.16
CA THR B 23 8.79 -38.64 35.74
C THR B 23 7.48 -38.78 34.99
N PHE B 24 7.55 -38.67 33.67
CA PHE B 24 6.37 -38.86 32.82
C PHE B 24 6.83 -38.95 31.38
N ILE B 25 6.07 -39.67 30.57
CA ILE B 25 6.33 -39.82 29.15
C ILE B 25 5.51 -38.79 28.39
N PRO B 26 6.13 -37.90 27.61
CA PRO B 26 5.33 -36.93 26.86
C PRO B 26 4.28 -37.60 25.98
N ALA B 27 3.08 -37.03 25.99
CA ALA B 27 1.99 -37.54 25.18
C ALA B 27 2.38 -37.52 23.70
N PRO B 28 1.86 -38.46 22.90
CA PRO B 28 2.17 -38.44 21.47
C PRO B 28 1.69 -37.15 20.81
N ILE B 29 2.49 -36.66 19.86
CA ILE B 29 2.23 -35.37 19.24
C ILE B 29 0.89 -35.34 18.53
N GLN B 30 0.32 -36.50 18.18
CA GLN B 30 -0.93 -36.54 17.45
C GLN B 30 -2.15 -36.30 18.33
N ALA B 31 -1.99 -36.27 19.65
CA ALA B 31 -3.14 -36.12 20.54
C ALA B 31 -3.71 -34.71 20.43
N LYS B 32 -5.04 -34.62 20.52
CA LYS B 32 -5.72 -33.33 20.43
C LYS B 32 -5.20 -32.39 21.50
N THR B 33 -5.01 -31.13 21.12
CA THR B 33 -4.44 -30.11 22.00
C THR B 33 -5.16 -28.79 21.76
N SER B 34 -5.65 -28.18 22.82
CA SER B 34 -6.31 -26.90 22.70
C SER B 34 -5.29 -25.82 22.30
N PRO B 35 -5.66 -24.90 21.40
CA PRO B 35 -4.70 -23.86 20.99
C PRO B 35 -4.21 -23.02 22.15
N VAL B 36 -3.02 -22.46 21.99
CA VAL B 36 -2.44 -21.59 23.02
C VAL B 36 -3.20 -20.26 23.03
N ASP B 37 -3.47 -19.75 24.23
CA ASP B 37 -4.16 -18.48 24.41
C ASP B 37 -3.10 -17.39 24.56
N GLU B 38 -2.81 -16.69 23.46
CA GLU B 38 -1.79 -15.65 23.50
C GLU B 38 -2.19 -14.50 24.42
N LYS B 39 -3.37 -13.94 24.20
CA LYS B 39 -3.80 -12.78 24.99
C LYS B 39 -3.87 -13.12 26.48
N ALA B 40 -4.13 -14.39 26.81
CA ALA B 40 -4.01 -14.81 28.20
C ALA B 40 -2.56 -14.96 28.63
N LEU B 41 -1.69 -15.35 27.69
CA LEU B 41 -0.26 -15.40 27.98
C LEU B 41 0.32 -13.99 28.13
N GLN B 42 -0.15 -13.06 27.29
CA GLN B 42 0.33 -11.68 27.39
C GLN B 42 0.00 -11.08 28.75
N ASP B 43 -1.23 -11.30 29.23
CA ASP B 43 -1.61 -10.80 30.55
C ASP B 43 -0.71 -11.37 31.64
N GLN B 44 -0.27 -12.62 31.48
CA GLN B 44 0.61 -13.25 32.47
C GLN B 44 1.97 -12.58 32.51
N LEU B 45 2.50 -12.20 31.35
CA LEU B 45 3.85 -11.65 31.29
C LEU B 45 3.94 -10.30 31.99
N VAL B 46 2.92 -9.45 31.85
CA VAL B 46 2.96 -8.15 32.52
C VAL B 46 2.85 -8.35 34.02
N LEU B 47 2.04 -9.32 34.46
CA LEU B 47 1.96 -9.64 35.88
C LEU B 47 3.33 -10.01 36.42
N VAL B 48 4.09 -10.82 35.66
CA VAL B 48 5.45 -11.17 36.08
C VAL B 48 6.28 -9.90 36.26
N ALA B 49 6.25 -9.02 35.26
CA ALA B 49 6.98 -7.77 35.35
C ALA B 49 6.43 -6.89 36.47
N ALA B 50 5.12 -6.93 36.66
CA ALA B 50 4.49 -6.05 37.65
C ALA B 50 5.03 -6.31 39.06
N LYS B 51 5.13 -7.58 39.45
CA LYS B 51 5.64 -7.93 40.77
C LYS B 51 7.14 -8.25 40.69
N LEU B 52 7.89 -7.22 40.35
CA LEU B 52 9.35 -7.29 40.29
C LEU B 52 9.93 -6.38 41.37
N ASP B 53 10.81 -6.94 42.20
CA ASP B 53 11.53 -6.13 43.17
C ASP B 53 12.64 -5.36 42.47
N THR B 54 13.17 -4.36 43.16
CA THR B 54 14.28 -3.59 42.59
C THR B 54 15.44 -4.50 42.24
N GLU B 55 15.72 -5.49 43.09
CA GLU B 55 16.78 -6.45 42.78
C GLU B 55 16.39 -7.33 41.60
N ASP B 56 15.12 -7.73 41.53
CA ASP B 56 14.67 -8.57 40.43
C ASP B 56 14.68 -7.79 39.11
N LYS B 57 14.27 -6.52 39.14
CA LYS B 57 14.28 -5.71 37.92
C LYS B 57 15.69 -5.49 37.42
N LEU B 58 16.59 -5.09 38.32
CA LEU B 58 17.99 -4.93 37.93
C LEU B 58 18.58 -6.26 37.47
N ARG B 59 18.17 -7.35 38.11
CA ARG B 59 18.63 -8.67 37.69
C ARG B 59 18.15 -9.00 36.29
N ALA B 60 16.93 -8.58 35.94
CA ALA B 60 16.39 -8.83 34.60
C ALA B 60 17.20 -8.08 33.55
N ALA B 61 17.49 -6.81 33.80
CA ALA B 61 18.34 -6.05 32.89
C ALA B 61 19.70 -6.71 32.74
N MET B 62 20.20 -7.30 33.81
CA MET B 62 21.52 -7.92 33.79
C MET B 62 21.59 -9.06 32.77
N VAL B 63 20.60 -9.95 32.79
CA VAL B 63 20.64 -11.08 31.86
C VAL B 63 20.33 -10.59 30.45
N GLY B 64 19.49 -9.57 30.31
CA GLY B 64 19.27 -8.98 29.01
C GLY B 64 20.55 -8.44 28.40
N MET B 65 21.37 -7.78 29.23
CA MET B 65 22.67 -7.33 28.76
C MET B 65 23.58 -8.52 28.47
N LEU B 66 23.49 -9.57 29.27
CA LEU B 66 24.33 -10.76 29.02
C LEU B 66 23.92 -11.44 27.74
N ALA B 67 22.62 -11.44 27.42
CA ALA B 67 22.18 -11.97 26.13
C ALA B 67 22.76 -11.15 24.98
N ASN B 68 22.88 -9.83 25.16
CA ASN B 68 23.55 -9.02 24.16
C ASN B 68 25.01 -9.43 24.01
N PHE B 69 25.70 -9.66 25.13
CA PHE B 69 27.10 -10.06 25.07
C PHE B 69 27.26 -11.37 24.33
N LEU B 70 26.40 -12.36 24.61
CA LEU B 70 26.44 -13.60 23.85
C LEU B 70 26.12 -13.35 22.39
N GLY B 71 25.09 -12.54 22.11
CA GLY B 71 24.76 -12.24 20.73
C GLY B 71 25.90 -11.58 19.98
N PHE B 72 26.57 -10.63 20.64
CA PHE B 72 27.70 -9.96 20.00
C PHE B 72 28.87 -10.92 19.76
N ARG B 73 29.06 -11.90 20.65
CA ARG B 73 30.07 -12.92 20.38
C ARG B 73 29.69 -13.79 19.20
N ILE B 74 28.40 -13.94 18.92
CA ILE B 74 27.98 -14.77 17.80
C ILE B 74 28.22 -14.04 16.48
N TYR B 75 28.14 -12.71 16.47
CA TYR B 75 28.48 -11.96 15.27
C TYR B 75 29.97 -11.82 15.07
N GLY B 76 30.76 -11.94 16.14
CA GLY B 76 32.21 -11.85 16.01
C GLY B 76 32.85 -13.10 15.47
N MET B 77 32.24 -14.26 15.71
CA MET B 77 32.74 -15.53 15.18
C MET B 77 32.00 -15.96 13.91
N HIS B 78 31.35 -15.01 13.24
CA HIS B 78 30.68 -15.26 11.97
C HIS B 78 30.84 -14.01 11.10
N SER B 79 31.50 -14.15 9.96
CA SER B 79 31.59 -13.04 9.02
C SER B 79 30.24 -12.78 8.36
N GLU B 80 29.68 -13.80 7.72
CA GLU B 80 28.33 -13.76 7.15
C GLU B 80 27.50 -14.81 7.88
N LEU B 81 26.87 -14.38 8.97
CA LEU B 81 26.15 -15.25 9.89
C LEU B 81 24.87 -15.82 9.31
N TRP B 82 24.37 -15.28 8.20
CA TRP B 82 23.00 -15.51 7.78
C TRP B 82 22.83 -16.75 6.90
N GLY B 83 23.90 -17.40 6.47
CA GLY B 83 23.74 -18.72 5.87
C GLY B 83 23.31 -19.78 6.85
N VAL B 84 23.33 -19.49 8.14
CA VAL B 84 22.87 -20.43 9.16
C VAL B 84 21.35 -20.42 9.28
N VAL B 85 20.71 -19.29 8.98
CA VAL B 85 19.30 -19.12 9.24
C VAL B 85 18.51 -19.55 8.01
N HIS B 86 17.53 -20.43 8.22
CA HIS B 86 16.68 -20.93 7.14
C HIS B 86 15.43 -20.06 7.10
N GLY B 87 15.27 -19.31 6.01
CA GLY B 87 14.14 -18.41 5.86
C GLY B 87 14.53 -16.96 6.09
N ALA B 88 13.69 -16.23 6.82
CA ALA B 88 13.99 -14.84 7.12
C ALA B 88 15.16 -14.75 8.09
N THR B 89 16.05 -13.80 7.83
CA THR B 89 17.28 -13.65 8.60
C THR B 89 17.05 -12.80 9.84
N VAL B 90 16.25 -13.35 10.76
CA VAL B 90 15.97 -12.72 12.05
C VAL B 90 16.59 -13.57 13.14
N LEU B 91 16.96 -12.90 14.24
CA LEU B 91 17.71 -13.55 15.31
C LEU B 91 17.29 -12.94 16.64
N SER B 92 17.12 -13.78 17.65
CA SER B 92 16.66 -13.34 18.96
C SER B 92 17.72 -13.66 20.02
N PRO B 93 18.54 -12.69 20.42
CA PRO B 93 19.54 -12.97 21.45
C PRO B 93 18.93 -13.48 22.76
N THR B 94 17.73 -13.02 23.11
CA THR B 94 17.12 -13.45 24.37
C THR B 94 16.66 -14.90 24.28
N ALA B 95 16.16 -15.32 23.11
CA ALA B 95 15.73 -16.70 22.94
C ALA B 95 16.93 -17.64 22.89
N VAL B 96 18.02 -17.20 22.24
CA VAL B 96 19.24 -17.99 22.22
C VAL B 96 19.78 -18.18 23.64
N PHE B 97 19.79 -17.10 24.42
CA PHE B 97 20.27 -17.18 25.79
C PHE B 97 19.34 -18.01 26.66
N GLY B 98 18.04 -18.04 26.34
CA GLY B 98 17.10 -18.82 27.12
C GLY B 98 17.11 -20.30 26.80
N THR B 99 17.35 -20.65 25.54
CA THR B 99 17.45 -22.07 25.18
C THR B 99 18.65 -22.71 25.84
N LEU B 100 19.76 -21.99 25.95
CA LEU B 100 20.94 -22.53 26.62
C LEU B 100 20.70 -22.68 28.11
N ALA B 101 20.13 -21.66 28.74
CA ALA B 101 19.83 -21.75 30.18
C ALA B 101 18.80 -22.83 30.46
N SER B 102 17.95 -23.14 29.48
CA SER B 102 16.98 -24.22 29.65
C SER B 102 17.67 -25.59 29.57
N LEU B 103 18.58 -25.76 28.63
CA LEU B 103 19.33 -27.01 28.54
C LEU B 103 20.20 -27.21 29.78
N TYR B 104 20.83 -26.14 30.27
CA TYR B 104 21.62 -26.22 31.48
C TYR B 104 20.78 -26.75 32.64
N LEU B 105 19.48 -26.46 32.62
CA LEU B 105 18.59 -26.94 33.67
C LEU B 105 18.63 -28.45 33.81
N GLY B 106 18.82 -29.15 32.69
CA GLY B 106 18.90 -30.60 32.67
C GLY B 106 20.29 -31.16 32.59
N ALA B 107 21.32 -30.33 32.63
CA ALA B 107 22.70 -30.76 32.42
C ALA B 107 23.38 -31.10 33.73
N LEU B 108 24.49 -31.83 33.62
CA LEU B 108 25.29 -32.24 34.77
C LEU B 108 26.75 -32.34 34.38
N ASP B 109 27.61 -32.28 35.39
CA ASP B 109 29.05 -32.53 35.28
C ASP B 109 29.62 -31.64 34.19
N HIS B 110 30.39 -32.18 33.23
CA HIS B 110 31.13 -31.33 32.30
C HIS B 110 30.19 -30.60 31.35
N THR B 111 29.14 -31.27 30.88
CA THR B 111 28.20 -30.64 29.95
C THR B 111 27.62 -29.36 30.54
N ALA B 112 27.17 -29.43 31.80
CA ALA B 112 26.64 -28.25 32.46
C ALA B 112 27.70 -27.16 32.56
N ASP B 113 28.92 -27.54 32.94
CA ASP B 113 29.99 -26.57 33.11
C ASP B 113 30.25 -25.80 31.82
N ARG B 114 30.36 -26.53 30.70
CA ARG B 114 30.62 -25.86 29.42
C ARG B 114 29.47 -24.93 29.05
N LEU B 115 28.23 -25.36 29.31
CA LEU B 115 27.09 -24.46 29.09
C LEU B 115 27.16 -23.27 30.04
N GLN B 116 27.54 -23.50 31.29
CA GLN B 116 27.69 -22.40 32.24
C GLN B 116 28.69 -21.37 31.73
N ALA B 117 29.79 -21.84 31.13
CA ALA B 117 30.82 -20.94 30.65
C ALA B 117 30.30 -20.06 29.51
N ILE B 118 29.44 -20.60 28.66
CA ILE B 118 28.92 -19.83 27.53
C ILE B 118 28.01 -18.71 28.00
N LEU B 119 27.24 -18.95 29.05
CA LEU B 119 26.28 -17.95 29.51
C LEU B 119 26.97 -16.79 30.22
N GLY B 120 28.09 -17.05 30.89
CA GLY B 120 28.85 -15.99 31.53
C GLY B 120 28.06 -15.15 32.50
N VAL B 121 27.24 -15.78 33.33
CA VAL B 121 26.45 -15.07 34.33
C VAL B 121 27.32 -14.80 35.55
N PRO B 122 27.53 -13.53 35.94
CA PRO B 122 28.44 -13.25 37.06
C PRO B 122 27.75 -13.30 38.42
N TRP B 123 26.91 -14.31 38.63
CA TRP B 123 26.17 -14.46 39.88
C TRP B 123 26.81 -15.53 40.75
N LYS B 124 26.59 -15.40 42.06
CA LYS B 124 27.02 -16.44 42.98
C LYS B 124 26.26 -17.72 42.67
N ASP B 125 26.97 -18.84 42.65
CA ASP B 125 26.33 -20.13 42.43
C ASP B 125 25.23 -20.35 43.45
N LYS B 126 24.24 -21.17 43.08
CA LYS B 126 23.10 -21.38 43.95
C LYS B 126 23.55 -21.88 45.32
N GLN B 127 22.78 -21.51 46.34
CA GLN B 127 23.17 -21.77 47.72
C GLN B 127 23.33 -23.27 47.96
N CYS B 128 24.43 -23.63 48.63
CA CYS B 128 24.71 -25.03 48.99
C CYS B 128 24.85 -25.93 47.76
N THR B 129 25.30 -25.36 46.65
CA THR B 129 25.62 -26.15 45.46
C THR B 129 26.62 -25.36 44.63
N SER B 130 27.16 -26.01 43.60
CA SER B 130 28.27 -25.48 42.82
C SER B 130 27.88 -25.18 41.37
N ARG B 131 26.60 -25.02 41.08
CA ARG B 131 26.13 -24.80 39.72
C ARG B 131 25.39 -23.47 39.61
N LEU B 132 25.30 -22.99 38.38
CA LEU B 132 24.58 -21.75 38.10
C LEU B 132 23.12 -21.87 38.55
N ASP B 133 22.55 -20.73 38.93
CA ASP B 133 21.14 -20.67 39.35
C ASP B 133 20.27 -20.50 38.11
N ALA B 134 20.07 -21.61 37.40
CA ALA B 134 19.30 -21.58 36.17
C ALA B 134 17.88 -21.09 36.40
N HIS B 135 17.32 -21.34 37.59
CA HIS B 135 15.97 -20.87 37.88
C HIS B 135 15.91 -19.36 37.92
N LYS B 136 16.91 -18.71 38.53
CA LYS B 136 16.93 -17.25 38.59
C LYS B 136 17.17 -16.64 37.21
N VAL B 137 17.95 -17.31 36.37
CA VAL B 137 18.20 -16.81 35.02
C VAL B 137 16.93 -16.92 34.18
N LEU B 138 16.33 -18.12 34.15
CA LEU B 138 15.13 -18.33 33.35
C LEU B 138 13.99 -17.45 33.83
N SER B 139 13.85 -17.27 35.14
CA SER B 139 12.82 -16.37 35.66
C SER B 139 13.13 -14.91 35.32
N ALA B 140 14.41 -14.58 35.15
CA ALA B 140 14.78 -13.23 34.75
C ALA B 140 14.53 -12.98 33.28
N LEU B 141 14.66 -14.02 32.44
CA LEU B 141 14.38 -13.86 31.01
C LEU B 141 12.90 -13.63 30.76
N GLN B 142 12.03 -14.31 31.52
CA GLN B 142 10.60 -14.03 31.42
C GLN B 142 10.28 -12.62 31.90
N ALA B 143 11.11 -12.06 32.77
CA ALA B 143 10.90 -10.69 33.23
C ALA B 143 11.16 -9.69 32.11
N VAL B 144 12.21 -9.91 31.31
CA VAL B 144 12.48 -8.98 30.21
C VAL B 144 11.39 -9.11 29.14
N GLN B 145 10.73 -10.26 29.06
CA GLN B 145 9.57 -10.38 28.19
C GLN B 145 8.43 -9.51 28.69
N GLY B 146 8.07 -9.65 29.97
CA GLY B 146 6.96 -8.90 30.53
C GLY B 146 7.22 -7.40 30.55
N LEU B 147 8.49 -7.01 30.71
CA LEU B 147 8.81 -5.58 30.69
C LEU B 147 8.50 -4.97 29.33
N LEU B 148 8.77 -5.71 28.26
CA LEU B 148 8.52 -5.19 26.91
C LEU B 148 7.03 -5.05 26.65
N VAL B 149 6.26 -6.11 26.87
CA VAL B 149 4.84 -6.11 26.51
C VAL B 149 4.00 -5.31 27.50
N ALA B 150 4.50 -5.09 28.72
CA ALA B 150 3.77 -4.27 29.69
C ALA B 150 3.75 -2.79 29.33
N GLN B 151 4.32 -2.42 28.19
CA GLN B 151 4.37 -1.03 27.76
C GLN B 151 3.39 -0.78 26.63
N GLN B 159 -0.15 -2.75 21.04
CA GLN B 159 0.97 -2.39 20.17
C GLN B 159 2.01 -3.50 20.12
N LEU B 160 2.43 -3.96 21.29
CA LEU B 160 3.49 -4.96 21.41
C LEU B 160 2.90 -6.30 21.86
N LEU B 161 3.29 -7.36 21.15
CA LEU B 161 2.89 -8.72 21.48
C LEU B 161 4.14 -9.58 21.36
N LEU B 162 4.60 -10.13 22.49
CA LEU B 162 5.74 -11.04 22.49
C LEU B 162 5.34 -12.30 23.24
N SER B 163 5.47 -13.44 22.57
CA SER B 163 5.10 -14.72 23.14
C SER B 163 6.18 -15.74 22.86
N THR B 164 6.49 -16.56 23.86
CA THR B 164 7.47 -17.63 23.73
C THR B 164 6.87 -18.91 24.27
N VAL B 165 6.90 -19.97 23.46
CA VAL B 165 6.50 -21.31 23.90
C VAL B 165 7.61 -22.28 23.50
N VAL B 166 7.87 -23.25 24.37
CA VAL B 166 8.94 -24.21 24.18
C VAL B 166 8.33 -25.59 23.94
N GLY B 167 8.74 -26.22 22.84
CA GLY B 167 8.33 -27.59 22.56
C GLY B 167 9.47 -28.55 22.80
N VAL B 168 9.26 -29.50 23.70
CA VAL B 168 10.27 -30.51 24.02
C VAL B 168 9.80 -31.81 23.37
N PHE B 169 10.34 -32.11 22.19
CA PHE B 169 9.89 -33.25 21.39
C PHE B 169 10.87 -34.40 21.56
N THR B 170 10.35 -35.53 22.03
CA THR B 170 11.16 -36.67 22.44
C THR B 170 10.73 -37.93 21.70
N ALA B 171 11.63 -38.91 21.69
CA ALA B 171 11.29 -40.21 21.12
C ALA B 171 10.20 -40.88 21.94
N PRO B 172 9.51 -41.86 21.36
CA PRO B 172 8.43 -42.53 22.10
C PRO B 172 8.99 -43.29 23.30
N GLY B 173 8.38 -43.05 24.46
CA GLY B 173 8.75 -43.74 25.68
C GLY B 173 9.83 -43.07 26.51
N LEU B 174 10.40 -41.96 26.03
CA LEU B 174 11.42 -41.27 26.81
C LEU B 174 10.77 -40.60 28.02
N HIS B 175 11.37 -40.79 29.20
CA HIS B 175 10.81 -40.31 30.45
C HIS B 175 11.39 -38.93 30.76
N LEU B 176 10.50 -37.94 30.87
CA LEU B 176 10.91 -36.60 31.28
C LEU B 176 10.77 -36.46 32.79
N LYS B 177 11.77 -35.84 33.40
CA LYS B 177 11.76 -35.60 34.84
C LYS B 177 10.96 -34.36 35.16
N GLN B 178 10.06 -34.46 36.14
CA GLN B 178 9.14 -33.37 36.43
C GLN B 178 9.87 -32.10 36.87
N PRO B 179 10.86 -32.15 37.77
CA PRO B 179 11.52 -30.89 38.17
C PRO B 179 12.12 -30.12 37.01
N PHE B 180 12.50 -30.82 35.94
CA PHE B 180 13.07 -30.13 34.77
C PHE B 180 11.97 -29.41 33.99
N VAL B 181 10.85 -30.09 33.73
CA VAL B 181 9.74 -29.46 33.02
C VAL B 181 9.20 -28.29 33.82
N GLN B 182 9.08 -28.45 35.15
CA GLN B 182 8.53 -27.39 35.98
C GLN B 182 9.44 -26.18 36.00
N GLY B 183 10.74 -26.38 35.80
CA GLY B 183 11.66 -25.25 35.77
C GLY B 183 11.63 -24.50 34.45
N LEU B 184 11.31 -25.20 33.35
CA LEU B 184 11.08 -24.51 32.08
C LEU B 184 9.90 -23.56 32.19
N ALA B 185 8.93 -23.88 33.04
CA ALA B 185 7.79 -22.99 33.23
C ALA B 185 8.20 -21.63 33.78
N LEU B 186 9.41 -21.53 34.36
CA LEU B 186 9.93 -20.23 34.77
C LEU B 186 10.37 -19.41 33.56
N TYR B 187 10.84 -20.07 32.50
CA TYR B 187 11.18 -19.37 31.27
C TYR B 187 9.92 -18.86 30.57
N THR B 188 8.92 -19.72 30.42
CA THR B 188 7.68 -19.37 29.75
C THR B 188 6.57 -20.22 30.34
N PRO B 189 5.40 -19.65 30.62
CA PRO B 189 4.30 -20.47 31.16
C PRO B 189 3.85 -21.58 30.23
N VAL B 190 4.09 -21.45 28.92
CA VAL B 190 3.63 -22.43 27.94
C VAL B 190 4.81 -23.33 27.58
N VAL B 191 4.78 -24.56 28.09
CA VAL B 191 5.76 -25.59 27.74
C VAL B 191 5.00 -26.80 27.26
N LEU B 192 5.32 -27.27 26.05
CA LEU B 192 4.55 -28.32 25.38
C LEU B 192 5.45 -29.51 25.08
N PRO B 193 5.58 -30.45 26.02
CA PRO B 193 6.32 -31.68 25.74
C PRO B 193 5.44 -32.70 25.00
N ARG B 194 5.94 -33.21 23.89
CA ARG B 194 5.25 -34.23 23.12
C ARG B 194 6.23 -35.29 22.66
N SER B 195 5.76 -36.53 22.59
CA SER B 195 6.59 -37.62 22.10
C SER B 195 6.33 -37.82 20.62
N LEU B 196 7.36 -38.31 19.93
CA LEU B 196 7.37 -38.25 18.47
C LEU B 196 8.38 -39.27 17.96
N ASP B 197 8.05 -39.91 16.84
CA ASP B 197 8.92 -40.93 16.26
C ASP B 197 9.96 -40.24 15.37
N PHE B 198 11.22 -40.24 15.82
CA PHE B 198 12.29 -39.59 15.09
C PHE B 198 12.90 -40.47 14.01
N THR B 199 12.59 -41.78 13.97
CA THR B 199 13.23 -42.65 13.00
C THR B 199 12.99 -42.14 11.58
N GLU B 200 11.72 -41.94 11.21
CA GLU B 200 11.38 -41.25 9.98
C GLU B 200 11.59 -39.76 10.21
N LEU B 201 12.68 -39.22 9.68
CA LEU B 201 13.09 -37.87 10.05
C LEU B 201 12.41 -36.79 9.21
N ASP B 202 12.40 -36.93 7.89
CA ASP B 202 11.76 -35.93 7.05
C ASP B 202 10.32 -35.69 7.51
N VAL B 203 9.65 -36.75 7.96
CA VAL B 203 8.30 -36.59 8.50
C VAL B 203 8.33 -35.99 9.90
N ALA B 204 9.41 -36.25 10.66
CA ALA B 204 9.50 -35.71 12.01
C ALA B 204 9.39 -34.19 12.01
N ALA B 205 10.06 -33.52 11.08
CA ALA B 205 10.00 -32.06 11.02
C ALA B 205 8.62 -31.57 10.61
N GLU B 206 7.88 -32.36 9.83
CA GLU B 206 6.56 -31.93 9.39
C GLU B 206 5.55 -31.97 10.53
N LYS B 207 5.57 -33.03 11.34
CA LYS B 207 4.63 -33.12 12.44
C LYS B 207 4.89 -32.06 13.49
N ILE B 208 6.17 -31.74 13.74
CA ILE B 208 6.49 -30.67 14.68
C ILE B 208 5.97 -29.34 14.16
N ASP B 209 6.13 -29.10 12.86
CA ASP B 209 5.58 -27.88 12.27
C ASP B 209 4.07 -27.93 12.21
N ARG B 210 3.52 -29.06 11.76
CA ARG B 210 2.06 -29.22 11.71
C ARG B 210 1.45 -29.04 13.09
N PHE B 211 2.14 -29.49 14.13
CA PHE B 211 1.63 -29.36 15.49
C PHE B 211 1.76 -27.94 16.00
N MET B 212 2.94 -27.35 15.88
CA MET B 212 3.17 -26.01 16.42
C MET B 212 2.30 -24.97 15.74
N GLN B 213 2.16 -25.07 14.41
CA GLN B 213 1.34 -24.09 13.69
C GLN B 213 -0.14 -24.26 14.03
N ALA B 214 -0.59 -25.50 14.18
CA ALA B 214 -1.99 -25.73 14.53
C ALA B 214 -2.34 -25.21 15.90
N VAL B 215 -1.42 -25.34 16.86
CA VAL B 215 -1.70 -24.95 18.24
C VAL B 215 -1.38 -23.49 18.52
N THR B 216 -0.49 -22.88 17.74
CA THR B 216 -0.14 -21.47 17.90
C THR B 216 -0.82 -20.57 16.87
N GLY B 217 -1.01 -21.06 15.64
CA GLY B 217 -1.50 -20.23 14.56
C GLY B 217 -0.43 -19.45 13.83
N TRP B 218 0.84 -19.64 14.18
CA TRP B 218 1.94 -18.93 13.55
C TRP B 218 2.42 -19.74 12.34
N LYS B 219 3.52 -19.29 11.73
CA LYS B 219 4.24 -20.07 10.74
C LYS B 219 5.61 -20.44 11.30
N THR B 220 6.07 -21.64 10.99
CA THR B 220 7.29 -22.17 11.60
C THR B 220 8.09 -22.94 10.57
N GLY B 221 9.32 -23.28 10.95
CA GLY B 221 10.17 -24.11 10.13
C GLY B 221 11.21 -24.79 11.00
N SER B 222 11.65 -25.97 10.58
CA SER B 222 12.56 -26.76 11.38
C SER B 222 13.22 -27.81 10.51
N SER B 223 14.30 -28.39 11.04
CA SER B 223 15.03 -29.45 10.36
C SER B 223 15.96 -30.17 11.32
N SER B 228 19.85 -37.07 13.22
CA SER B 228 19.98 -38.43 12.69
C SER B 228 18.76 -39.27 13.05
N VAL B 229 18.75 -40.51 12.56
CA VAL B 229 17.66 -41.43 12.87
C VAL B 229 17.73 -41.87 14.33
N ASP B 230 18.90 -41.76 14.96
CA ASP B 230 19.08 -42.08 16.36
C ASP B 230 18.51 -41.03 17.30
N SER B 231 18.16 -39.85 16.80
CA SER B 231 17.77 -38.74 17.67
C SER B 231 16.61 -39.12 18.57
N THR B 232 16.68 -38.67 19.83
CA THR B 232 15.59 -38.87 20.77
C THR B 232 15.13 -37.59 21.48
N LEU B 233 15.76 -36.44 21.20
CA LEU B 233 15.35 -35.18 21.80
C LEU B 233 15.48 -34.06 20.78
N ALA B 234 14.46 -33.20 20.73
CA ALA B 234 14.51 -31.96 19.96
C ALA B 234 13.97 -30.86 20.86
N PHE B 235 14.81 -29.90 21.20
CA PHE B 235 14.46 -28.82 22.13
C PHE B 235 14.33 -27.54 21.31
N ASN B 236 13.09 -27.18 20.98
CA ASN B 236 12.81 -26.08 20.06
C ASN B 236 12.09 -24.96 20.80
N THR B 237 12.57 -23.73 20.61
CA THR B 237 11.93 -22.54 21.15
C THR B 237 11.23 -21.79 20.03
N TYR B 238 9.96 -21.43 20.25
CA TYR B 238 9.17 -20.69 19.28
C TYR B 238 8.72 -19.38 19.92
N VAL B 239 9.09 -18.27 19.30
CA VAL B 239 8.79 -16.94 19.83
C VAL B 239 8.15 -16.12 18.72
N HIS B 240 7.11 -15.36 19.09
CA HIS B 240 6.34 -14.57 18.15
C HIS B 240 6.34 -13.12 18.59
N PHE B 241 6.73 -12.23 17.68
CA PHE B 241 6.72 -10.79 17.93
C PHE B 241 5.79 -10.14 16.92
N GLN B 242 4.90 -9.28 17.43
CA GLN B 242 3.99 -8.49 16.60
C GLN B 242 4.05 -7.06 17.07
N GLY B 243 4.61 -6.17 16.24
CA GLY B 243 4.75 -4.78 16.60
C GLY B 243 3.88 -3.87 15.75
N LYS B 244 2.81 -3.37 16.35
CA LYS B 244 1.93 -2.40 15.70
C LYS B 244 2.40 -1.01 16.11
N MET B 245 2.94 -0.27 15.15
CA MET B 245 3.43 1.07 15.41
C MET B 245 2.34 2.10 15.14
N LYS B 246 1.97 2.84 16.17
CA LYS B 246 0.99 3.90 16.03
C LYS B 246 1.65 5.14 15.42
N GLY B 247 0.86 5.90 14.67
CA GLY B 247 1.40 6.95 13.82
C GLY B 247 1.83 6.47 12.46
N PHE B 248 1.78 5.17 12.21
CA PHE B 248 2.06 4.58 10.91
C PHE B 248 0.77 4.05 10.30
N SER B 249 0.85 3.69 9.02
CA SER B 249 -0.31 3.18 8.31
C SER B 249 0.17 2.38 7.10
N LEU B 250 -0.64 1.41 6.71
CA LEU B 250 -0.34 0.61 5.52
C LEU B 250 -0.76 1.40 4.29
N LEU B 251 0.21 1.82 3.49
CA LEU B 251 -0.08 2.58 2.29
C LEU B 251 -0.87 1.73 1.30
N ALA B 252 -1.73 2.39 0.52
CA ALA B 252 -2.56 1.67 -0.43
C ALA B 252 -1.72 1.01 -1.52
N GLU B 253 -0.93 1.81 -2.24
CA GLU B 253 -0.11 1.28 -3.33
C GLU B 253 1.23 0.78 -2.80
N PRO B 254 1.72 -0.35 -3.28
CA PRO B 254 3.07 -0.80 -2.90
C PRO B 254 4.13 0.00 -3.64
N GLN B 255 5.37 -0.15 -3.18
CA GLN B 255 6.53 0.50 -3.78
C GLN B 255 7.62 -0.53 -4.04
N GLU B 256 8.46 -0.23 -5.01
CA GLU B 256 9.51 -1.16 -5.42
C GLU B 256 10.62 -1.22 -4.38
N PHE B 257 11.05 -2.44 -4.07
CA PHE B 257 12.16 -2.70 -3.16
C PHE B 257 13.29 -3.31 -3.98
N TRP B 258 14.45 -2.67 -3.97
CA TRP B 258 15.58 -3.08 -4.79
C TRP B 258 16.50 -3.99 -3.98
N VAL B 259 16.46 -5.28 -4.28
CA VAL B 259 17.28 -6.25 -3.57
C VAL B 259 18.71 -6.25 -4.11
N ASP B 260 18.87 -6.09 -5.41
CA ASP B 260 20.17 -5.97 -6.05
C ASP B 260 20.25 -4.67 -6.83
N GLN B 261 21.43 -4.39 -7.37
CA GLN B 261 21.58 -3.28 -8.30
C GLN B 261 20.81 -3.51 -9.59
N SER B 262 20.41 -4.76 -9.86
CA SER B 262 19.67 -5.12 -11.06
C SER B 262 18.18 -5.36 -10.80
N THR B 263 17.86 -6.15 -9.79
CA THR B 263 16.50 -6.65 -9.56
C THR B 263 15.77 -5.82 -8.52
N SER B 264 14.43 -5.86 -8.60
CA SER B 264 13.56 -5.11 -7.72
C SER B 264 12.27 -5.89 -7.52
N VAL B 265 11.67 -5.72 -6.34
CA VAL B 265 10.42 -6.39 -5.98
C VAL B 265 9.47 -5.36 -5.41
N SER B 266 8.18 -5.55 -5.70
CA SER B 266 7.15 -4.66 -5.16
C SER B 266 6.78 -5.09 -3.75
N VAL B 267 6.59 -4.11 -2.87
CA VAL B 267 6.45 -4.39 -1.45
C VAL B 267 5.39 -3.49 -0.82
N PRO B 268 4.55 -3.99 0.08
CA PRO B 268 3.72 -3.10 0.90
C PRO B 268 4.57 -2.30 1.87
N MET B 269 4.35 -0.99 1.91
CA MET B 269 5.18 -0.08 2.69
C MET B 269 4.41 0.51 3.85
N LEU B 270 5.06 0.58 5.01
CA LEU B 270 4.57 1.37 6.12
C LEU B 270 5.05 2.81 5.97
N SER B 271 4.30 3.73 6.58
CA SER B 271 4.60 5.15 6.45
C SER B 271 4.19 5.88 7.71
N GLY B 272 5.13 6.62 8.29
CA GLY B 272 4.86 7.38 9.50
C GLY B 272 5.73 8.61 9.54
N MET B 273 5.23 9.65 10.20
CA MET B 273 5.94 10.91 10.33
C MET B 273 5.96 11.33 11.79
N GLY B 274 7.12 11.76 12.27
CA GLY B 274 7.26 12.21 13.64
C GLY B 274 8.68 12.65 13.91
N THR B 275 8.92 13.01 15.16
CA THR B 275 10.26 13.40 15.60
C THR B 275 10.99 12.12 16.02
N PHE B 276 11.66 11.50 15.06
CA PHE B 276 12.42 10.28 15.29
C PHE B 276 13.89 10.61 15.47
N GLN B 277 14.56 9.87 16.34
CA GLN B 277 16.00 10.03 16.51
C GLN B 277 16.70 9.57 15.25
N HIS B 278 17.83 10.19 14.94
CA HIS B 278 18.51 9.90 13.69
C HIS B 278 19.98 10.28 13.80
N TRP B 279 20.78 9.70 12.93
CA TRP B 279 22.21 9.99 12.86
C TRP B 279 22.76 9.48 11.55
N SER B 280 23.58 10.29 10.89
CA SER B 280 24.25 9.92 9.66
C SER B 280 25.73 9.75 9.95
N ASP B 281 26.24 8.54 9.76
CA ASP B 281 27.65 8.25 9.98
C ASP B 281 28.38 8.47 8.66
N ILE B 282 28.97 9.65 8.52
CA ILE B 282 29.61 10.04 7.25
C ILE B 282 31.00 9.47 7.09
N GLN B 283 31.57 8.87 8.12
CA GLN B 283 32.85 8.18 8.01
C GLN B 283 32.66 6.75 7.53
N ASP B 284 31.80 5.99 8.20
CA ASP B 284 31.51 4.61 7.87
C ASP B 284 30.30 4.48 6.94
N GLN B 285 29.88 5.59 6.32
CA GLN B 285 28.82 5.61 5.32
C GLN B 285 27.65 4.69 5.64
N PHE B 286 26.89 5.04 6.68
CA PHE B 286 25.59 4.42 6.96
C PHE B 286 24.80 5.38 7.82
N SER B 287 23.48 5.16 7.86
CA SER B 287 22.57 6.01 8.63
C SER B 287 21.67 5.14 9.50
N VAL B 288 21.35 5.66 10.68
CA VAL B 288 20.54 4.95 11.66
C VAL B 288 19.26 5.74 11.89
N THR B 289 18.14 5.03 11.98
CA THR B 289 16.85 5.63 12.32
C THR B 289 16.25 4.85 13.48
N GLN B 290 15.78 5.57 14.50
CA GLN B 290 15.22 4.98 15.71
C GLN B 290 13.79 5.50 15.88
N VAL B 291 12.83 4.65 15.59
CA VAL B 291 11.41 4.96 15.77
C VAL B 291 10.91 4.16 16.96
N PRO B 292 10.36 4.78 18.00
CA PRO B 292 10.03 4.02 19.21
C PRO B 292 8.76 3.20 19.06
N PHE B 293 8.72 2.12 19.85
CA PHE B 293 7.47 1.42 20.12
C PHE B 293 6.80 1.98 21.37
N THR B 294 7.59 2.27 22.39
CA THR B 294 7.07 2.67 23.69
C THR B 294 8.01 3.74 24.24
N GLU B 295 7.91 4.00 25.55
CA GLU B 295 8.79 4.97 26.19
C GLU B 295 10.22 4.45 26.27
N SER B 296 10.39 3.14 26.45
CA SER B 296 11.71 2.52 26.58
C SER B 296 12.08 1.62 25.43
N ALA B 297 11.11 1.00 24.77
CA ALA B 297 11.38 0.04 23.70
C ALA B 297 11.27 0.73 22.35
N SER B 298 12.24 0.49 21.47
CA SER B 298 12.30 1.17 20.19
C SER B 298 12.78 0.19 19.11
N LEU B 299 12.63 0.62 17.87
CA LEU B 299 13.13 -0.10 16.69
C LEU B 299 14.27 0.69 16.07
N LEU B 300 15.36 0.01 15.78
CA LEU B 300 16.52 0.62 15.14
C LEU B 300 16.62 0.13 13.69
N LEU B 301 17.01 1.03 12.80
CA LEU B 301 17.10 0.73 11.37
C LEU B 301 18.44 1.27 10.88
N ILE B 302 19.37 0.37 10.57
CA ILE B 302 20.68 0.74 10.05
C ILE B 302 20.63 0.56 8.55
N GLN B 303 20.76 1.67 7.82
CA GLN B 303 20.70 1.64 6.36
C GLN B 303 22.06 2.09 5.84
N PRO B 304 22.82 1.25 5.14
CA PRO B 304 24.11 1.69 4.62
C PRO B 304 23.92 2.73 3.52
N HIS B 305 24.79 3.75 3.54
CA HIS B 305 24.70 4.83 2.56
C HIS B 305 24.69 4.28 1.15
N TYR B 306 25.50 3.26 0.88
CA TYR B 306 25.55 2.62 -0.41
C TYR B 306 25.27 1.13 -0.25
N ALA B 307 24.70 0.52 -1.28
CA ALA B 307 24.18 -0.83 -1.16
C ALA B 307 25.27 -1.83 -0.80
N SER B 308 26.47 -1.68 -1.36
CA SER B 308 27.52 -2.65 -1.16
C SER B 308 28.01 -2.71 0.28
N ASP B 309 27.84 -1.64 1.05
CA ASP B 309 28.35 -1.55 2.41
C ASP B 309 27.60 -2.41 3.42
N LEU B 310 26.58 -3.16 3.00
CA LEU B 310 25.70 -3.82 3.96
C LEU B 310 26.47 -4.77 4.88
N ASP B 311 27.30 -5.65 4.31
CA ASP B 311 27.88 -6.73 5.10
C ASP B 311 28.92 -6.21 6.10
N LYS B 312 29.69 -5.18 5.74
CA LYS B 312 30.69 -4.67 6.68
C LYS B 312 30.12 -3.59 7.59
N VAL B 313 29.08 -2.87 7.14
CA VAL B 313 28.31 -2.04 8.07
C VAL B 313 27.71 -2.91 9.17
N GLU B 314 27.35 -4.15 8.84
CA GLU B 314 26.86 -5.07 9.85
C GLU B 314 27.91 -5.34 10.91
N GLY B 315 29.17 -5.53 10.49
CA GLY B 315 30.22 -5.82 11.45
C GLY B 315 30.43 -4.70 12.44
N LEU B 316 30.38 -3.46 11.97
CA LEU B 316 30.54 -2.32 12.86
C LEU B 316 29.44 -2.28 13.91
N THR B 317 28.18 -2.32 13.45
CA THR B 317 27.06 -2.08 14.35
C THR B 317 26.85 -3.23 15.33
N PHE B 318 26.71 -4.45 14.82
CA PHE B 318 26.42 -5.61 15.67
C PHE B 318 27.69 -5.97 16.43
N GLN B 319 27.87 -5.28 17.55
CA GLN B 319 29.06 -5.37 18.39
C GLN B 319 28.86 -4.49 19.62
N GLN B 320 29.39 -4.91 20.76
CA GLN B 320 29.22 -4.14 21.99
C GLN B 320 29.98 -2.82 21.91
N LYS B 328 24.65 8.60 19.93
CA LYS B 328 24.97 9.71 19.04
C LYS B 328 23.74 10.16 18.25
N LEU B 329 22.60 9.50 18.50
CA LEU B 329 21.38 9.89 17.81
C LEU B 329 20.85 11.19 18.40
N SER B 330 20.13 11.94 17.57
CA SER B 330 19.49 13.18 18.02
C SER B 330 18.17 13.34 17.27
N PRO B 331 17.19 14.03 17.87
CA PRO B 331 15.87 14.12 17.23
C PRO B 331 15.90 14.85 15.90
N ARG B 332 14.98 14.45 15.01
CA ARG B 332 14.76 15.11 13.73
C ARG B 332 13.35 14.76 13.27
N THR B 333 12.72 15.70 12.57
CA THR B 333 11.40 15.46 12.00
C THR B 333 11.57 14.61 10.75
N ILE B 334 11.07 13.37 10.79
CA ILE B 334 11.35 12.38 9.76
C ILE B 334 10.04 11.79 9.26
N HIS B 335 9.96 11.59 7.95
CA HIS B 335 8.90 10.80 7.31
C HIS B 335 9.54 9.48 6.89
N LEU B 336 9.32 8.44 7.69
CA LEU B 336 9.92 7.13 7.43
C LEU B 336 9.00 6.28 6.57
N THR B 337 9.60 5.60 5.59
CA THR B 337 8.90 4.63 4.76
C THR B 337 9.72 3.36 4.73
N MET B 338 9.15 2.28 5.28
CA MET B 338 9.85 1.01 5.36
C MET B 338 8.89 -0.11 5.00
N PRO B 339 9.42 -1.26 4.58
CA PRO B 339 8.54 -2.39 4.26
C PRO B 339 7.80 -2.91 5.49
N GLN B 340 6.51 -3.21 5.31
CA GLN B 340 5.82 -4.03 6.29
C GLN B 340 6.50 -5.40 6.34
N LEU B 341 6.91 -5.81 7.53
CA LEU B 341 7.72 -7.01 7.70
C LEU B 341 6.86 -8.11 8.32
N VAL B 342 6.61 -9.15 7.54
CA VAL B 342 5.99 -10.38 8.02
C VAL B 342 7.00 -11.49 7.72
N LEU B 343 7.86 -11.77 8.69
CA LEU B 343 9.05 -12.58 8.47
C LEU B 343 8.99 -13.83 9.33
N GLN B 344 9.53 -14.92 8.79
CA GLN B 344 9.66 -16.18 9.52
C GLN B 344 11.02 -16.78 9.20
N GLY B 345 11.74 -17.18 10.25
CA GLY B 345 13.05 -17.77 10.08
C GLY B 345 13.31 -18.79 11.17
N SER B 346 14.42 -19.51 11.02
CA SER B 346 14.74 -20.57 11.96
C SER B 346 16.22 -20.90 11.86
N TYR B 347 16.80 -21.27 13.00
CA TYR B 347 18.20 -21.65 13.08
C TYR B 347 18.37 -22.62 14.24
N ASP B 348 19.39 -23.46 14.13
CA ASP B 348 19.80 -24.36 15.21
C ASP B 348 20.94 -23.72 15.97
N LEU B 349 20.79 -23.59 17.28
CA LEU B 349 21.85 -22.99 18.10
C LEU B 349 23.17 -23.71 17.89
N GLN B 350 23.13 -25.00 17.53
CA GLN B 350 24.35 -25.75 17.27
C GLN B 350 25.10 -25.21 16.05
N ASP B 351 24.43 -24.44 15.20
CA ASP B 351 25.08 -23.78 14.07
C ASP B 351 25.52 -22.36 14.41
N LEU B 352 24.71 -21.63 15.19
CA LEU B 352 25.12 -20.32 15.65
C LEU B 352 26.43 -20.40 16.43
N LEU B 353 26.50 -21.31 17.40
CA LEU B 353 27.64 -21.40 18.30
C LEU B 353 28.57 -22.55 17.94
N ALA B 354 28.70 -22.86 16.65
CA ALA B 354 29.68 -23.84 16.22
C ALA B 354 31.08 -23.46 16.67
N GLN B 355 31.37 -22.15 16.73
CA GLN B 355 32.68 -21.69 17.19
C GLN B 355 32.86 -21.87 18.69
N ALA B 356 31.77 -21.93 19.45
CA ALA B 356 31.84 -22.21 20.88
C ALA B 356 31.82 -23.71 21.18
N GLU B 357 31.92 -24.55 20.16
CA GLU B 357 31.97 -26.01 20.33
C GLU B 357 30.71 -26.52 21.03
N LEU B 358 29.57 -25.89 20.73
CA LEU B 358 28.31 -26.34 21.31
C LEU B 358 27.95 -27.71 20.78
N PRO B 359 28.15 -27.99 19.49
CA PRO B 359 27.90 -29.36 19.02
C PRO B 359 28.66 -30.42 19.80
N ALA B 360 29.91 -30.13 20.17
CA ALA B 360 30.66 -31.05 21.02
C ALA B 360 30.05 -31.14 22.42
N ILE B 361 29.55 -30.01 22.93
CA ILE B 361 28.91 -30.02 24.24
C ILE B 361 27.70 -30.93 24.24
N LEU B 362 27.05 -31.08 23.09
CA LEU B 362 25.80 -31.82 22.99
C LEU B 362 25.93 -33.15 22.25
N HIS B 363 27.15 -33.53 21.85
CA HIS B 363 27.35 -34.82 21.19
C HIS B 363 28.58 -35.57 21.71
N THR B 364 29.24 -35.07 22.75
CA THR B 364 30.38 -35.74 23.34
C THR B 364 30.31 -35.59 24.86
N GLU B 365 30.48 -36.70 25.58
CA GLU B 365 30.38 -36.70 27.03
C GLU B 365 29.05 -36.11 27.49
N LEU B 366 28.01 -36.25 26.67
CA LEU B 366 26.73 -35.63 26.99
C LEU B 366 26.19 -36.17 28.30
N ASN B 367 25.62 -35.26 29.11
CA ASN B 367 25.06 -35.62 30.42
C ASN B 367 23.89 -34.67 30.69
N LEU B 368 22.74 -35.00 30.12
CA LEU B 368 21.51 -34.29 30.42
C LEU B 368 20.61 -35.17 31.28
N GLN B 369 21.17 -35.74 32.35
CA GLN B 369 20.46 -36.73 33.16
C GLN B 369 19.47 -36.10 34.13
N LYS B 370 19.50 -34.79 34.32
CA LYS B 370 18.40 -34.10 34.98
C LYS B 370 17.20 -33.93 34.06
N LEU B 371 17.41 -34.08 32.75
CA LEU B 371 16.32 -34.03 31.78
C LEU B 371 15.60 -35.37 31.70
N SER B 372 16.36 -36.45 31.54
CA SER B 372 15.79 -37.79 31.45
C SER B 372 16.85 -38.81 31.82
N ASN B 373 16.40 -39.90 32.44
CA ASN B 373 17.30 -41.02 32.71
C ASN B 373 17.65 -41.80 31.45
N ASP B 374 16.84 -41.66 30.41
CA ASP B 374 17.05 -42.41 29.18
C ASP B 374 18.07 -41.73 28.29
N ARG B 375 18.59 -42.49 27.32
CA ARG B 375 19.62 -41.99 26.43
C ARG B 375 19.08 -40.83 25.59
N ILE B 376 19.77 -39.69 25.64
CA ILE B 376 19.37 -38.50 24.91
C ILE B 376 20.35 -38.27 23.76
N ARG B 377 19.81 -38.13 22.56
CA ARG B 377 20.60 -37.78 21.37
C ARG B 377 19.91 -36.59 20.72
N VAL B 378 20.57 -35.43 20.75
CA VAL B 378 19.96 -34.19 20.32
C VAL B 378 19.88 -34.17 18.80
N GLY B 379 18.66 -34.03 18.28
CA GLY B 379 18.44 -33.89 16.86
C GLY B 379 18.57 -32.44 16.42
N GLU B 380 17.97 -31.53 17.19
CA GLU B 380 18.06 -30.12 16.89
C GLU B 380 17.77 -29.33 18.16
N VAL B 381 18.43 -28.19 18.28
CA VAL B 381 18.15 -27.21 19.33
C VAL B 381 17.71 -25.95 18.59
N LEU B 382 16.40 -25.82 18.41
CA LEU B 382 15.84 -24.90 17.44
C LEU B 382 15.47 -23.56 18.05
N ASN B 383 15.52 -22.52 17.23
CA ASN B 383 14.89 -21.24 17.50
C ASN B 383 14.11 -20.85 16.25
N SER B 384 12.79 -20.78 16.38
CA SER B 384 11.90 -20.43 15.28
C SER B 384 11.18 -19.14 15.63
N ILE B 385 11.29 -18.15 14.73
CA ILE B 385 10.89 -16.78 15.01
C ILE B 385 9.84 -16.36 14.00
N PHE B 386 8.72 -15.85 14.50
CA PHE B 386 7.69 -15.22 13.66
C PHE B 386 7.69 -13.74 14.00
N PHE B 387 8.31 -12.94 13.15
CA PHE B 387 8.52 -11.51 13.40
C PHE B 387 7.59 -10.71 12.51
N GLU B 388 6.68 -9.96 13.11
CA GLU B 388 5.72 -9.13 12.39
C GLU B 388 5.90 -7.67 12.77
N LEU B 389 5.99 -6.80 11.77
CA LEU B 389 5.97 -5.36 11.96
C LEU B 389 4.87 -4.81 11.05
N GLU B 390 3.80 -4.29 11.64
CA GLU B 390 2.61 -3.96 10.88
C GLU B 390 2.11 -2.57 11.29
N ALA B 391 1.07 -2.10 10.60
CA ALA B 391 0.58 -0.74 10.73
C ALA B 391 -0.42 -0.62 11.88
N ASP B 392 -0.85 0.61 12.14
CA ASP B 392 -1.86 0.88 13.15
C ASP B 392 -2.38 2.32 13.01
N GLU B 407 12.84 21.01 6.85
CA GLU B 407 11.47 20.80 7.30
C GLU B 407 11.24 19.34 7.72
N VAL B 408 11.53 18.39 6.82
CA VAL B 408 11.35 16.97 7.10
C VAL B 408 12.40 16.19 6.34
N LEU B 409 12.80 15.05 6.92
CA LEU B 409 13.79 14.16 6.33
C LEU B 409 13.07 12.89 5.85
N GLU B 410 13.08 12.68 4.53
CA GLU B 410 12.45 11.51 3.93
C GLU B 410 13.43 10.34 3.99
N VAL B 411 13.19 9.40 4.91
CA VAL B 411 13.97 8.18 5.00
C VAL B 411 13.14 7.04 4.45
N THR B 412 13.61 6.43 3.37
CA THR B 412 12.88 5.35 2.70
C THR B 412 13.77 4.12 2.64
N LEU B 413 13.34 3.03 3.29
CA LEU B 413 14.06 1.76 3.25
C LEU B 413 13.55 0.97 2.05
N ASN B 414 14.13 1.23 0.88
CA ASN B 414 13.85 0.48 -0.33
C ASN B 414 15.09 -0.29 -0.80
N ARG B 415 15.98 -0.61 0.12
CA ARG B 415 17.18 -1.40 -0.15
C ARG B 415 17.44 -2.32 1.03
N PRO B 416 18.31 -3.32 0.87
CA PRO B 416 18.64 -4.18 2.02
C PRO B 416 19.12 -3.36 3.21
N PHE B 417 18.60 -3.69 4.39
CA PHE B 417 18.92 -2.95 5.60
C PHE B 417 19.02 -3.91 6.77
N LEU B 418 19.48 -3.36 7.90
CA LEU B 418 19.54 -4.08 9.16
C LEU B 418 18.56 -3.44 10.13
N PHE B 419 18.09 -4.23 11.10
CA PHE B 419 17.18 -3.70 12.11
C PHE B 419 17.45 -4.41 13.44
N ALA B 420 16.91 -3.82 14.50
CA ALA B 420 17.02 -4.38 15.83
C ALA B 420 15.94 -3.77 16.70
N VAL B 421 15.42 -4.57 17.64
CA VAL B 421 14.45 -4.12 18.62
C VAL B 421 15.15 -4.07 19.97
N TYR B 422 15.19 -2.89 20.58
CA TYR B 422 15.89 -2.67 21.84
C TYR B 422 14.91 -2.18 22.89
N ASP B 423 15.17 -2.56 24.14
CA ASP B 423 14.36 -2.15 25.28
C ASP B 423 15.29 -1.63 26.36
N GLN B 424 15.11 -0.37 26.76
CA GLN B 424 15.96 0.24 27.77
C GLN B 424 15.62 -0.22 29.19
N SER B 425 14.38 -0.67 29.42
CA SER B 425 14.01 -1.17 30.74
C SER B 425 14.94 -2.31 31.16
N ALA B 426 15.14 -3.30 30.29
CA ALA B 426 15.99 -4.44 30.56
C ALA B 426 17.26 -4.43 29.74
N THR B 427 17.59 -3.31 29.10
CA THR B 427 18.79 -3.21 28.26
C THR B 427 18.97 -4.47 27.43
N ALA B 428 17.91 -4.83 26.70
CA ALA B 428 17.84 -6.14 26.06
C ALA B 428 17.56 -5.97 24.57
N LEU B 429 18.41 -6.59 23.74
CA LEU B 429 18.15 -6.70 22.32
C LEU B 429 17.24 -7.91 22.09
N HIS B 430 15.95 -7.66 21.91
CA HIS B 430 15.02 -8.77 21.70
C HIS B 430 15.20 -9.37 20.30
N PHE B 431 15.59 -8.56 19.32
CA PHE B 431 15.71 -9.05 17.95
C PHE B 431 16.82 -8.30 17.22
N LEU B 432 17.63 -9.06 16.48
CA LEU B 432 18.51 -8.53 15.46
C LEU B 432 18.13 -9.18 14.13
N GLY B 433 18.25 -8.41 13.05
CA GLY B 433 17.79 -8.94 11.78
C GLY B 433 18.42 -8.26 10.59
N ARG B 434 18.11 -8.81 9.42
CA ARG B 434 18.63 -8.33 8.15
C ARG B 434 17.59 -8.61 7.08
N VAL B 435 17.18 -7.56 6.36
CA VAL B 435 16.13 -7.67 5.36
C VAL B 435 16.70 -7.46 3.98
N ALA B 436 17.19 -8.53 3.36
CA ALA B 436 17.59 -8.46 1.96
C ALA B 436 16.39 -8.45 1.03
N ASN B 437 15.24 -8.95 1.49
CA ASN B 437 14.01 -8.97 0.71
C ASN B 437 12.81 -9.07 1.65
N PRO B 438 11.93 -8.07 1.69
CA PRO B 438 10.78 -8.17 2.61
C PRO B 438 9.87 -9.34 2.31
N LEU B 439 9.79 -9.78 1.05
CA LEU B 439 9.11 -11.02 0.69
C LEU B 439 10.13 -12.12 0.53
N SER B 440 9.79 -13.31 1.01
CA SER B 440 10.69 -14.46 0.88
C SER B 440 9.92 -15.72 0.52
#